data_5DRX
#
_entry.id   5DRX
#
_cell.length_a   86.187
_cell.length_b   92.327
_cell.length_c   135.130
_cell.angle_alpha   90.000
_cell.angle_beta   90.000
_cell.angle_gamma   90.000
#
_symmetry.space_group_name_H-M   'P 21 21 21'
#
loop_
_entity.id
_entity.type
_entity.pdbx_description
1 polymer 'CLL240 heavy chain (VH and CH1 domains)'
2 polymer 'CLL240 BCR light chain'
3 non-polymer GLYCEROL
4 water water
#
loop_
_entity_poly.entity_id
_entity_poly.type
_entity_poly.pdbx_seq_one_letter_code
_entity_poly.pdbx_strand_id
1 'polypeptide(L)'
;QVQLQQWGAGLLKPSETLSLNCAVYGESFSGYYWSWIRQPPGKGLEWIGEINHSGSTNYNPSLKSRVTISVDTSKNQFSL
KLSSVTAADAAIYYCARGYADTPVFRRYYYYGMDVWAKGTTVTVSSASTKGPSVFPLAPSSKSTSGGTAALGCLVKDYFP
EPVTVSWNSGALTSGVHTFPAVLQSSGLYSLSSVVTVPSSSLGTQTYICNVNHKPSNTKVDKRVEPKS
;
H,A
2 'polypeptide(L)'
;ADIVMTQSPLSLPVTLGQPASISCRSSQSLVHSDGNTYLNWFQQRPGQSPRRLIYKVSDRDSGVPDRFSGSGSGTDFTLK
ISRVEAEDVGVYYCMQGTHWPPYTFGQGTKVEIKRTVAAPSVFIFPPSDEQLKSGTASVVCLLNNFYPREAKVQWKVDNA
LQSGNSQESVTEQDSKDSTYSLSSTLTLSKADYEKHKVYACEVTHQGLSSPVTKSFNRGEC
;
L,B
#
loop_
_chem_comp.id
_chem_comp.type
_chem_comp.name
_chem_comp.formula
GOL non-polymer GLYCEROL 'C3 H8 O3'
#
# COMPACT_ATOMS: atom_id res chain seq x y z
N GLN A 1 25.47 28.97 -13.39
CA GLN A 1 25.37 28.53 -12.01
C GLN A 1 25.28 27.00 -11.90
N VAL A 2 26.17 26.42 -11.10
CA VAL A 2 26.11 25.00 -10.80
C VAL A 2 24.79 24.65 -10.13
N GLN A 3 24.12 23.61 -10.63
CA GLN A 3 22.99 23.01 -9.95
C GLN A 3 23.33 21.56 -9.62
N LEU A 4 22.83 21.09 -8.49
CA LEU A 4 23.02 19.70 -8.09
C LEU A 4 21.67 18.99 -7.98
N GLN A 5 21.62 17.75 -8.45
CA GLN A 5 20.42 16.95 -8.36
C GLN A 5 20.77 15.71 -7.56
N GLN A 6 19.97 15.38 -6.54
CA GLN A 6 20.35 14.33 -5.62
C GLN A 6 19.31 13.25 -5.57
N TRP A 7 19.72 12.00 -5.50
CA TRP A 7 18.77 10.91 -5.37
C TRP A 7 19.41 9.73 -4.66
N GLY A 8 18.57 8.85 -4.15
CA GLY A 8 19.03 7.67 -3.44
C GLY A 8 18.05 7.36 -2.33
N ALA A 9 18.08 6.11 -1.86
CA ALA A 9 17.19 5.62 -0.82
C ALA A 9 17.58 6.13 0.55
N GLY A 10 16.62 6.76 1.22
CA GLY A 10 16.85 7.31 2.54
C GLY A 10 16.41 6.44 3.70
N LEU A 11 15.62 5.41 3.44
CA LEU A 11 15.16 4.53 4.52
C LEU A 11 15.93 3.24 4.46
N LEU A 12 16.62 2.91 5.53
CA LEU A 12 17.34 1.64 5.52
C LEU A 12 17.50 1.05 6.89
N LYS A 13 18.05 -0.16 6.91
CA LYS A 13 18.16 -0.91 8.15
C LYS A 13 19.63 -1.03 8.56
N PRO A 14 19.87 -1.26 9.86
CA PRO A 14 21.24 -1.43 10.36
C PRO A 14 22.01 -2.51 9.62
N SER A 15 23.27 -2.19 9.32
CA SER A 15 24.26 -3.05 8.68
C SER A 15 24.23 -2.88 7.17
N GLU A 16 23.23 -2.19 6.67
CA GLU A 16 23.10 -2.03 5.23
C GLU A 16 23.94 -0.85 4.77
N THR A 17 24.11 -0.70 3.46
CA THR A 17 24.97 0.33 2.95
C THR A 17 24.15 1.47 2.37
N LEU A 18 24.45 2.68 2.81
CA LEU A 18 23.80 3.88 2.31
C LEU A 18 24.38 4.24 0.95
N SER A 19 23.53 4.57 -0.01
CA SER A 19 24.02 4.85 -1.34
C SER A 19 23.34 6.06 -1.94
N LEU A 20 24.05 7.19 -1.97
CA LEU A 20 23.49 8.40 -2.52
C LEU A 20 24.28 8.88 -3.73
N ASN A 21 23.63 9.61 -4.62
CA ASN A 21 24.25 10.08 -5.84
C ASN A 21 23.84 11.51 -6.16
N CYS A 22 24.70 12.22 -6.87
CA CYS A 22 24.38 13.57 -7.33
C CYS A 22 24.85 13.78 -8.77
N ALA A 23 24.14 14.63 -9.48
CA ALA A 23 24.47 14.96 -10.84
C ALA A 23 24.66 16.46 -10.95
N VAL A 24 25.63 16.87 -11.77
CA VAL A 24 25.97 18.27 -11.90
C VAL A 24 25.50 18.84 -13.22
N TYR A 25 24.74 19.93 -13.16
CA TYR A 25 24.33 20.65 -14.37
C TYR A 25 24.69 22.14 -14.27
N GLY A 26 24.89 22.78 -15.41
CA GLY A 26 25.01 24.23 -15.43
C GLY A 26 26.41 24.81 -15.54
N GLU A 27 27.42 24.02 -15.23
CA GLU A 27 28.81 24.47 -15.30
C GLU A 27 29.72 23.27 -15.54
N SER A 28 31.01 23.51 -15.63
CA SER A 28 31.96 22.43 -15.83
C SER A 28 32.00 21.48 -14.64
N PHE A 29 32.20 20.21 -14.91
CA PHE A 29 32.42 19.21 -13.89
C PHE A 29 33.83 19.28 -13.29
N SER A 30 34.72 20.05 -13.92
CA SER A 30 36.12 20.15 -13.53
CA SER A 30 36.11 20.11 -13.49
C SER A 30 36.45 21.43 -12.80
N GLY A 31 37.50 21.40 -11.99
CA GLY A 31 37.97 22.61 -11.33
C GLY A 31 37.67 22.73 -9.85
N TYR A 32 36.80 21.86 -9.33
CA TYR A 32 36.47 21.90 -7.92
C TYR A 32 36.18 20.50 -7.39
N TYR A 33 36.17 20.37 -6.07
CA TYR A 33 35.88 19.09 -5.44
C TYR A 33 34.36 18.95 -5.31
N TRP A 34 33.88 17.71 -5.32
CA TRP A 34 32.47 17.46 -5.08
C TRP A 34 32.35 16.70 -3.77
N SER A 35 31.54 17.22 -2.85
CA SER A 35 31.59 16.71 -1.49
C SER A 35 30.27 16.23 -0.90
N TRP A 36 30.38 15.41 0.14
CA TRP A 36 29.23 14.97 0.93
C TRP A 36 29.33 15.45 2.36
N ILE A 37 28.20 15.90 2.86
CA ILE A 37 28.08 16.45 4.20
C ILE A 37 26.78 15.94 4.84
N ARG A 38 26.79 15.68 6.14
CA ARG A 38 25.58 15.24 6.82
C ARG A 38 25.24 16.05 8.07
N GLN A 39 24.00 15.91 8.52
CA GLN A 39 23.47 16.69 9.61
C GLN A 39 22.56 15.83 10.49
N PRO A 40 23.07 15.37 11.64
CA PRO A 40 22.30 14.44 12.46
C PRO A 40 21.17 15.17 13.17
N PRO A 41 20.06 14.48 13.47
CA PRO A 41 18.81 15.06 13.98
C PRO A 41 19.06 16.05 15.09
N GLY A 42 18.61 17.28 14.87
CA GLY A 42 18.82 18.37 15.80
C GLY A 42 20.26 18.69 16.15
N LYS A 43 21.21 18.31 15.29
CA LYS A 43 22.61 18.63 15.54
C LYS A 43 23.26 19.31 14.33
N GLY A 44 24.57 19.55 14.41
CA GLY A 44 25.29 20.39 13.46
C GLY A 44 25.68 19.69 12.15
N LEU A 45 26.72 20.21 11.50
CA LEU A 45 27.18 19.68 10.21
C LEU A 45 28.49 18.94 10.31
N GLU A 46 28.56 17.81 9.63
CA GLU A 46 29.75 16.97 9.61
C GLU A 46 30.16 16.68 8.16
N TRP A 47 31.33 17.19 7.78
CA TRP A 47 31.87 16.92 6.45
C TRP A 47 32.39 15.50 6.37
N ILE A 48 31.97 14.80 5.32
CA ILE A 48 32.21 13.37 5.17
C ILE A 48 33.40 13.10 4.26
N GLY A 49 33.37 13.67 3.06
CA GLY A 49 34.46 13.50 2.13
C GLY A 49 34.23 14.20 0.82
N GLU A 50 35.17 14.05 -0.09
CA GLU A 50 35.10 14.72 -1.39
C GLU A 50 35.87 13.98 -2.46
N ILE A 51 35.59 14.32 -3.71
CA ILE A 51 36.26 13.75 -4.86
C ILE A 51 36.23 14.79 -5.98
N ASN A 52 37.20 14.74 -6.90
CA ASN A 52 37.13 15.62 -8.07
C ASN A 52 37.07 14.80 -9.34
N HIS A 53 36.93 15.49 -10.47
CA HIS A 53 36.74 14.81 -11.75
C HIS A 53 37.83 13.77 -12.06
N SER A 54 39.04 13.96 -11.55
CA SER A 54 40.14 13.04 -11.83
CA SER A 54 40.12 13.02 -11.85
C SER A 54 40.20 11.90 -10.83
N GLY A 55 39.31 11.91 -9.85
CA GLY A 55 39.22 10.82 -8.89
C GLY A 55 40.06 10.90 -7.64
N SER A 56 40.74 12.01 -7.45
CA SER A 56 41.43 12.23 -6.18
C SER A 56 40.42 12.51 -5.04
N THR A 57 40.66 11.91 -3.89
CA THR A 57 39.73 11.99 -2.79
C THR A 57 40.35 12.55 -1.52
N ASN A 58 39.49 13.07 -0.65
CA ASN A 58 39.85 13.33 0.74
C ASN A 58 38.68 12.87 1.61
N TYR A 59 38.99 12.22 2.72
CA TYR A 59 37.96 11.66 3.56
C TYR A 59 38.10 12.15 4.99
N ASN A 60 36.98 12.28 5.68
CA ASN A 60 37.00 12.50 7.12
C ASN A 60 37.59 11.27 7.80
N PRO A 61 38.65 11.45 8.59
CA PRO A 61 39.32 10.33 9.25
C PRO A 61 38.38 9.52 10.13
N SER A 62 37.38 10.14 10.75
CA SER A 62 36.45 9.39 11.60
C SER A 62 35.55 8.41 10.83
N LEU A 63 35.50 8.51 9.51
CA LEU A 63 34.60 7.68 8.70
C LEU A 63 35.29 6.91 7.57
N LYS A 64 36.60 7.13 7.40
CA LYS A 64 37.36 6.61 6.26
C LYS A 64 37.16 5.12 6.00
N SER A 65 37.00 4.34 7.06
CA SER A 65 36.91 2.90 6.94
C SER A 65 35.58 2.43 6.33
N ARG A 66 34.55 3.27 6.40
CA ARG A 66 33.23 2.89 5.92
C ARG A 66 32.77 3.69 4.72
N VAL A 67 33.56 4.66 4.30
CA VAL A 67 33.11 5.55 3.25
C VAL A 67 33.85 5.31 1.94
N THR A 68 33.08 5.24 0.86
CA THR A 68 33.65 5.27 -0.47
C THR A 68 32.93 6.31 -1.29
N ILE A 69 33.71 7.21 -1.88
CA ILE A 69 33.15 8.21 -2.75
C ILE A 69 33.75 8.04 -4.12
N SER A 70 32.89 8.00 -5.12
CA SER A 70 33.33 7.72 -6.47
C SER A 70 32.75 8.74 -7.42
N VAL A 71 33.26 8.74 -8.64
CA VAL A 71 32.87 9.73 -9.61
C VAL A 71 32.66 9.05 -10.96
N ASP A 72 31.81 9.63 -11.78
CA ASP A 72 31.59 9.14 -13.13
C ASP A 72 31.52 10.32 -14.08
N THR A 73 32.65 10.64 -14.69
CA THR A 73 32.78 11.90 -15.41
C THR A 73 31.97 11.98 -16.69
N SER A 74 31.69 10.85 -17.32
CA SER A 74 30.96 10.86 -18.59
C SER A 74 29.51 11.28 -18.42
N LYS A 75 28.99 11.10 -17.21
CA LYS A 75 27.64 11.56 -16.87
C LYS A 75 27.66 12.81 -16.00
N ASN A 76 28.86 13.25 -15.63
CA ASN A 76 29.03 14.33 -14.66
C ASN A 76 28.27 14.01 -13.36
N GLN A 77 28.60 12.87 -12.77
CA GLN A 77 27.95 12.41 -11.56
C GLN A 77 28.98 11.93 -10.57
N PHE A 78 28.64 11.99 -9.28
CA PHE A 78 29.47 11.42 -8.23
C PHE A 78 28.60 10.78 -7.13
N SER A 79 29.17 9.87 -6.36
CA SER A 79 28.37 9.02 -5.50
C SER A 79 28.98 8.82 -4.14
N LEU A 80 28.15 8.52 -3.16
CA LEU A 80 28.61 8.21 -1.81
C LEU A 80 28.09 6.86 -1.36
N LYS A 81 28.96 6.04 -0.80
CA LYS A 81 28.49 4.83 -0.17
C LYS A 81 29.03 4.73 1.25
N LEU A 82 28.12 4.48 2.19
CA LEU A 82 28.45 4.33 3.60
C LEU A 82 27.97 2.96 4.10
N SER A 83 28.93 2.09 4.41
CA SER A 83 28.62 0.72 4.77
C SER A 83 28.43 0.54 6.27
N SER A 84 27.87 -0.60 6.64
CA SER A 84 27.55 -0.93 8.01
C SER A 84 26.88 0.21 8.77
N VAL A 85 25.79 0.76 8.22
CA VAL A 85 25.15 1.87 8.90
C VAL A 85 24.54 1.44 10.23
N THR A 86 24.48 2.38 11.16
CA THR A 86 23.80 2.21 12.44
C THR A 86 23.00 3.47 12.69
N ALA A 87 22.25 3.52 13.78
CA ALA A 87 21.50 4.71 14.15
C ALA A 87 22.34 6.01 14.16
N ALA A 88 23.61 5.91 14.54
CA ALA A 88 24.51 7.07 14.57
C ALA A 88 24.69 7.72 13.19
N ASP A 89 24.37 6.97 12.15
CA ASP A 89 24.50 7.48 10.79
C ASP A 89 23.24 8.18 10.33
N ALA A 90 22.24 8.24 11.20
CA ALA A 90 20.96 8.85 10.83
C ALA A 90 21.13 10.36 10.75
N ALA A 91 20.73 10.93 9.63
CA ALA A 91 21.02 12.34 9.36
C ALA A 91 20.39 12.81 8.04
N ILE A 92 20.37 14.12 7.82
CA ILE A 92 20.13 14.64 6.50
C ILE A 92 21.48 14.71 5.79
N TYR A 93 21.57 14.08 4.62
CA TYR A 93 22.77 14.12 3.79
C TYR A 93 22.63 15.10 2.61
N TYR A 94 23.65 15.91 2.37
CA TYR A 94 23.69 16.81 1.22
C TYR A 94 24.95 16.58 0.40
N CYS A 95 24.84 16.64 -0.92
CA CYS A 95 26.04 16.80 -1.73
C CYS A 95 26.24 18.29 -1.91
N ALA A 96 27.49 18.70 -2.12
CA ALA A 96 27.82 20.12 -2.22
C ALA A 96 29.09 20.37 -3.04
N ARG A 97 29.15 21.50 -3.72
CA ARG A 97 30.38 21.87 -4.43
C ARG A 97 31.39 22.40 -3.44
N GLY A 98 32.55 21.78 -3.37
CA GLY A 98 33.59 22.24 -2.43
C GLY A 98 34.48 23.36 -2.94
N TYR A 99 35.75 23.30 -2.57
CA TYR A 99 36.75 24.28 -2.99
C TYR A 99 37.36 23.90 -4.33
N ALA A 100 37.97 24.88 -4.98
CA ALA A 100 38.84 24.62 -6.13
C ALA A 100 39.85 23.52 -5.80
N ASP A 101 40.21 22.73 -6.79
CA ASP A 101 41.12 21.60 -6.56
C ASP A 101 42.59 21.87 -6.90
N THR A 102 42.94 23.13 -7.16
CA THR A 102 44.35 23.50 -7.33
C THR A 102 44.60 24.78 -6.55
N PRO A 103 45.85 24.94 -6.04
CA PRO A 103 46.23 26.02 -5.14
C PRO A 103 45.93 27.42 -5.63
N VAL A 104 46.21 27.68 -6.91
CA VAL A 104 46.08 29.05 -7.38
C VAL A 104 44.60 29.39 -7.52
N PHE A 105 43.81 28.45 -8.01
CA PHE A 105 42.38 28.70 -8.09
C PHE A 105 41.75 28.67 -6.69
N ARG A 106 42.34 27.90 -5.77
CA ARG A 106 41.79 27.81 -4.41
C ARG A 106 42.01 29.15 -3.71
N ARG A 107 43.10 29.82 -4.05
CA ARG A 107 43.47 31.09 -3.43
C ARG A 107 42.58 32.25 -3.93
N TYR A 108 42.18 32.23 -5.19
CA TYR A 108 41.52 33.41 -5.77
C TYR A 108 40.05 33.22 -6.15
N TYR A 109 39.59 31.99 -6.28
CA TYR A 109 38.21 31.77 -6.71
C TYR A 109 37.24 31.49 -5.54
N TYR A 110 36.04 32.06 -5.65
CA TYR A 110 35.06 32.06 -4.56
C TYR A 110 34.58 30.70 -4.05
N TYR A 111 34.83 29.62 -4.79
CA TYR A 111 34.26 28.33 -4.44
C TYR A 111 34.59 27.90 -3.01
N GLY A 112 33.64 27.22 -2.36
CA GLY A 112 33.90 26.57 -1.09
C GLY A 112 32.60 26.29 -0.35
N MET A 113 32.01 25.13 -0.59
CA MET A 113 30.72 24.75 0.00
C MET A 113 29.66 25.80 -0.25
N ASP A 114 29.63 26.31 -1.47
CA ASP A 114 28.77 27.43 -1.85
C ASP A 114 27.52 27.00 -2.62
N VAL A 115 27.48 25.75 -3.05
CA VAL A 115 26.31 25.19 -3.73
C VAL A 115 25.90 23.89 -3.04
N TRP A 116 24.64 23.79 -2.63
CA TRP A 116 24.16 22.61 -1.92
C TRP A 116 22.94 22.00 -2.60
N ALA A 117 22.90 20.68 -2.72
CA ALA A 117 21.71 19.99 -3.16
C ALA A 117 20.60 20.04 -2.09
N LYS A 118 19.43 19.54 -2.45
CA LYS A 118 18.35 19.32 -1.49
C LYS A 118 18.75 18.11 -0.68
N GLY A 119 18.51 18.15 0.62
CA GLY A 119 18.93 17.07 1.47
C GLY A 119 18.03 15.84 1.43
N THR A 120 18.67 14.68 1.52
CA THR A 120 18.01 13.40 1.70
C THR A 120 18.00 13.03 3.17
N THR A 121 16.81 12.91 3.74
CA THR A 121 16.69 12.45 5.11
C THR A 121 16.93 10.96 5.18
N VAL A 122 17.94 10.58 5.93
CA VAL A 122 18.28 9.18 6.12
C VAL A 122 17.86 8.72 7.51
N THR A 123 17.11 7.64 7.56
CA THR A 123 16.78 6.96 8.80
C THR A 123 17.37 5.56 8.79
N VAL A 124 17.93 5.14 9.91
CA VAL A 124 18.48 3.80 10.02
C VAL A 124 17.72 3.08 11.12
N SER A 125 16.89 2.12 10.73
CA SER A 125 15.97 1.46 11.67
C SER A 125 15.62 0.05 11.23
N SER A 126 15.27 -0.79 12.20
CA SER A 126 14.82 -2.13 11.91
C SER A 126 13.30 -2.17 11.71
N ALA A 127 12.63 -1.07 12.03
CA ALA A 127 11.17 -1.03 12.01
C ALA A 127 10.59 -1.28 10.60
N SER A 128 9.43 -1.92 10.57
CA SER A 128 8.65 -2.09 9.35
C SER A 128 7.50 -1.09 9.29
N THR A 129 6.97 -0.87 8.10
CA THR A 129 5.88 0.08 7.95
C THR A 129 4.68 -0.29 8.79
N LYS A 130 4.16 0.69 9.53
CA LYS A 130 2.99 0.49 10.34
C LYS A 130 2.18 1.76 10.43
N GLY A 131 0.89 1.65 10.15
CA GLY A 131 -0.02 2.77 10.30
C GLY A 131 -0.27 3.10 11.77
N PRO A 132 -0.55 4.37 12.06
CA PRO A 132 -0.74 4.87 13.42
C PRO A 132 -2.06 4.48 14.02
N SER A 133 -2.15 4.38 15.34
CA SER A 133 -3.44 4.39 16.01
C SER A 133 -3.74 5.83 16.38
N VAL A 134 -5.02 6.20 16.32
CA VAL A 134 -5.43 7.57 16.64
C VAL A 134 -6.36 7.61 17.85
N PHE A 135 -5.91 8.26 18.92
CA PHE A 135 -6.68 8.36 20.15
C PHE A 135 -7.07 9.81 20.42
N PRO A 136 -8.23 10.01 21.05
CA PRO A 136 -8.63 11.38 21.35
C PRO A 136 -7.88 11.98 22.53
N LEU A 137 -7.75 13.29 22.53
CA LEU A 137 -7.37 14.05 23.71
C LEU A 137 -8.57 14.91 24.05
N ALA A 138 -9.46 14.36 24.87
CA ALA A 138 -10.74 14.99 25.17
C ALA A 138 -10.61 16.24 26.03
N PRO A 139 -11.37 17.28 25.67
CA PRO A 139 -11.41 18.57 26.39
C PRO A 139 -11.86 18.44 27.84
N THR A 148 -11.35 29.21 27.31
CA THR A 148 -10.61 28.47 26.29
C THR A 148 -10.35 27.04 26.70
N ALA A 149 -10.89 26.09 25.94
CA ALA A 149 -10.61 24.68 26.17
C ALA A 149 -9.58 24.15 25.18
N ALA A 150 -8.93 23.04 25.53
CA ALA A 150 -7.98 22.42 24.62
C ALA A 150 -8.36 20.97 24.36
N LEU A 151 -8.20 20.55 23.11
CA LEU A 151 -8.44 19.18 22.72
C LEU A 151 -7.45 18.76 21.64
N GLY A 152 -7.40 17.48 21.32
CA GLY A 152 -6.52 17.03 20.28
C GLY A 152 -6.58 15.56 19.94
N CYS A 153 -5.60 15.11 19.17
CA CYS A 153 -5.50 13.73 18.76
C CYS A 153 -4.09 13.21 18.98
N LEU A 154 -3.99 12.04 19.57
CA LEU A 154 -2.70 11.37 19.75
C LEU A 154 -2.54 10.36 18.64
N VAL A 155 -1.46 10.50 17.89
CA VAL A 155 -1.20 9.72 16.71
C VAL A 155 -0.01 8.83 17.00
N LYS A 156 -0.26 7.60 17.40
CA LYS A 156 0.77 6.81 18.05
C LYS A 156 1.18 5.58 17.26
N ASP A 157 2.45 5.23 17.36
CA ASP A 157 3.03 3.99 16.82
C ASP A 157 2.91 3.84 15.30
N TYR A 158 3.57 4.72 14.56
CA TYR A 158 3.62 4.59 13.12
C TYR A 158 5.06 4.61 12.60
N PHE A 159 5.24 4.13 11.38
CA PHE A 159 6.51 4.16 10.69
C PHE A 159 6.27 4.02 9.21
N PRO A 160 7.01 4.75 8.37
CA PRO A 160 7.97 5.80 8.72
C PRO A 160 7.25 7.15 8.73
N GLU A 161 7.99 8.22 9.01
CA GLU A 161 7.48 9.54 8.72
C GLU A 161 7.18 9.60 7.23
N PRO A 162 6.18 10.38 6.82
CA PRO A 162 5.44 11.29 7.70
C PRO A 162 3.96 10.95 7.82
N VAL A 163 3.31 11.62 8.76
CA VAL A 163 1.86 11.67 8.79
C VAL A 163 1.44 13.12 8.61
N THR A 164 0.22 13.33 8.15
CA THR A 164 -0.35 14.66 8.13
C THR A 164 -1.62 14.71 8.98
N VAL A 165 -1.86 15.85 9.58
CA VAL A 165 -3.06 16.01 10.38
C VAL A 165 -3.77 17.30 9.96
N SER A 166 -5.07 17.22 9.74
CA SER A 166 -5.90 18.40 9.56
C SER A 166 -7.04 18.34 10.56
N TRP A 167 -7.78 19.43 10.68
CA TRP A 167 -8.92 19.45 11.58
C TRP A 167 -10.17 19.93 10.83
N ASN A 168 -11.25 19.18 10.99
CA ASN A 168 -12.50 19.42 10.28
C ASN A 168 -12.24 19.63 8.80
N SER A 169 -11.46 18.72 8.24
CA SER A 169 -11.14 18.67 6.82
C SER A 169 -10.55 19.97 6.29
N GLY A 170 -9.85 20.69 7.15
CA GLY A 170 -9.17 21.89 6.76
C GLY A 170 -9.87 23.16 7.18
N ALA A 171 -11.12 23.04 7.61
CA ALA A 171 -11.94 24.20 7.96
C ALA A 171 -11.52 24.83 9.28
N LEU A 172 -10.77 24.07 10.09
CA LEU A 172 -10.26 24.59 11.35
C LEU A 172 -8.73 24.60 11.29
N THR A 173 -8.15 25.80 11.36
CA THR A 173 -6.70 25.97 11.26
C THR A 173 -6.17 26.84 12.38
N SER A 174 -6.99 27.78 12.83
CA SER A 174 -6.60 28.72 13.87
C SER A 174 -6.40 28.02 15.22
N GLY A 175 -5.26 28.27 15.84
CA GLY A 175 -4.98 27.69 17.15
C GLY A 175 -4.56 26.23 17.14
N VAL A 176 -4.34 25.66 15.97
CA VAL A 176 -3.83 24.30 15.87
C VAL A 176 -2.32 24.23 16.09
N HIS A 177 -1.88 23.31 16.95
CA HIS A 177 -0.47 22.96 17.05
C HIS A 177 -0.26 21.48 16.78
N THR A 178 0.46 21.17 15.72
CA THR A 178 0.79 19.78 15.44
C THR A 178 2.27 19.63 15.74
N PHE A 179 2.58 18.84 16.78
CA PHE A 179 3.95 18.71 17.26
C PHE A 179 4.81 17.83 16.35
N PRO A 180 6.12 18.08 16.32
CA PRO A 180 7.08 17.16 15.71
C PRO A 180 6.99 15.78 16.35
N ALA A 181 7.13 14.75 15.54
CA ALA A 181 7.11 13.38 16.02
C ALA A 181 8.30 13.11 16.92
N VAL A 182 8.10 12.34 17.97
CA VAL A 182 9.25 11.79 18.67
C VAL A 182 9.38 10.33 18.32
N LEU A 183 10.63 9.91 18.11
CA LEU A 183 10.92 8.50 17.89
C LEU A 183 11.00 7.80 19.24
N GLN A 184 10.12 6.82 19.44
CA GLN A 184 10.07 6.09 20.68
C GLN A 184 11.08 4.95 20.70
N SER A 185 11.29 4.37 21.89
CA SER A 185 12.27 3.30 22.06
C SER A 185 11.91 2.06 21.26
N SER A 186 10.63 1.83 21.06
CA SER A 186 10.15 0.77 20.17
C SER A 186 10.59 0.95 18.72
N GLY A 187 11.05 2.15 18.40
CA GLY A 187 11.51 2.44 17.04
C GLY A 187 10.38 3.00 16.20
N LEU A 188 9.24 3.24 16.84
CA LEU A 188 8.08 3.79 16.15
C LEU A 188 7.87 5.24 16.56
N TYR A 189 7.27 6.04 15.70
CA TYR A 189 7.02 7.45 15.96
C TYR A 189 5.69 7.70 16.66
N SER A 190 5.57 8.86 17.29
CA SER A 190 4.34 9.28 17.91
C SER A 190 4.28 10.79 17.98
N LEU A 191 3.08 11.34 17.82
CA LEU A 191 2.91 12.78 17.89
C LEU A 191 1.52 13.14 18.31
N SER A 192 1.36 14.39 18.73
CA SER A 192 0.05 14.88 19.08
C SER A 192 -0.23 16.15 18.31
N SER A 193 -1.49 16.33 17.96
CA SER A 193 -1.97 17.56 17.36
C SER A 193 -3.05 18.07 18.29
N VAL A 194 -2.94 19.34 18.69
CA VAL A 194 -3.88 19.92 19.65
C VAL A 194 -4.47 21.21 19.08
N VAL A 195 -5.62 21.62 19.59
CA VAL A 195 -6.22 22.89 19.21
C VAL A 195 -6.95 23.47 20.40
N THR A 196 -6.87 24.78 20.57
CA THR A 196 -7.62 25.47 21.59
C THR A 196 -8.88 26.04 20.97
N VAL A 197 -10.01 25.86 21.66
CA VAL A 197 -11.30 26.25 21.15
C VAL A 197 -12.12 26.88 22.27
N PRO A 198 -13.16 27.67 21.91
CA PRO A 198 -13.94 28.30 22.96
C PRO A 198 -14.74 27.26 23.72
N SER A 199 -14.67 27.27 25.04
CA SER A 199 -15.35 26.26 25.85
C SER A 199 -16.85 26.28 25.63
N SER A 200 -17.40 27.43 25.28
CA SER A 200 -18.86 27.57 25.13
C SER A 200 -19.38 26.81 23.92
N SER A 201 -18.48 26.42 23.02
CA SER A 201 -18.90 25.78 21.79
C SER A 201 -18.78 24.25 21.84
N LEU A 202 -18.30 23.73 22.97
CA LEU A 202 -17.98 22.31 23.09
C LEU A 202 -19.17 21.40 22.86
N GLY A 203 -20.35 21.88 23.25
CA GLY A 203 -21.54 21.08 23.13
C GLY A 203 -22.25 21.25 21.81
N THR A 204 -21.86 22.26 21.04
CA THR A 204 -22.54 22.54 19.78
C THR A 204 -21.60 22.55 18.58
N GLN A 205 -20.33 22.27 18.79
CA GLN A 205 -19.39 22.23 17.68
C GLN A 205 -18.68 20.90 17.62
N THR A 206 -18.56 20.36 16.41
CA THR A 206 -17.96 19.06 16.20
C THR A 206 -16.48 19.17 15.79
N TYR A 207 -15.61 18.43 16.46
CA TYR A 207 -14.18 18.47 16.14
C TYR A 207 -13.69 17.10 15.73
N ILE A 208 -13.13 17.04 14.53
CA ILE A 208 -12.62 15.80 13.98
C ILE A 208 -11.20 16.00 13.47
N CYS A 209 -10.29 15.13 13.88
CA CYS A 209 -8.95 15.18 13.33
C CYS A 209 -8.86 14.19 12.17
N ASN A 210 -8.29 14.64 11.06
CA ASN A 210 -8.11 13.82 9.88
C ASN A 210 -6.67 13.42 9.72
N VAL A 211 -6.40 12.12 9.80
CA VAL A 211 -5.03 11.63 9.86
C VAL A 211 -4.71 10.75 8.67
N ASN A 212 -3.63 11.10 7.96
CA ASN A 212 -3.19 10.39 6.79
C ASN A 212 -1.78 9.89 6.96
N HIS A 213 -1.56 8.61 6.65
CA HIS A 213 -0.22 8.04 6.64
C HIS A 213 -0.07 7.23 5.35
N LYS A 214 0.53 7.86 4.36
CA LYS A 214 0.59 7.32 3.02
C LYS A 214 1.26 5.93 2.87
N PRO A 215 2.41 5.69 3.52
CA PRO A 215 3.02 4.39 3.25
C PRO A 215 2.14 3.19 3.62
N SER A 216 1.23 3.39 4.57
CA SER A 216 0.36 2.33 5.04
C SER A 216 -1.09 2.51 4.56
N ASN A 217 -1.30 3.48 3.68
CA ASN A 217 -2.64 3.84 3.19
C ASN A 217 -3.62 3.99 4.33
N THR A 218 -3.18 4.59 5.43
CA THR A 218 -4.07 4.82 6.57
C THR A 218 -4.75 6.17 6.40
N LYS A 219 -6.06 6.17 6.57
CA LYS A 219 -6.86 7.38 6.54
C LYS A 219 -7.87 7.27 7.64
N VAL A 220 -7.65 8.02 8.72
CA VAL A 220 -8.52 7.92 9.87
C VAL A 220 -9.11 9.28 10.19
N ASP A 221 -10.41 9.32 10.40
CA ASP A 221 -11.05 10.51 10.94
C ASP A 221 -11.53 10.16 12.34
N LYS A 222 -11.04 10.89 13.32
CA LYS A 222 -11.39 10.61 14.71
CA LYS A 222 -11.39 10.62 14.72
C LYS A 222 -12.11 11.80 15.32
N ARG A 223 -13.31 11.59 15.81
CA ARG A 223 -14.04 12.70 16.39
C ARG A 223 -13.67 12.80 17.86
N VAL A 224 -13.52 14.02 18.34
CA VAL A 224 -13.01 14.25 19.68
C VAL A 224 -14.05 15.02 20.45
N GLU A 225 -14.56 14.45 21.53
CA GLU A 225 -15.62 15.11 22.28
C GLU A 225 -15.39 14.96 23.78
N PRO A 226 -16.09 15.77 24.59
CA PRO A 226 -15.98 15.62 26.04
C PRO A 226 -16.43 14.24 26.52
N LYS A 227 -15.82 13.74 27.60
CA LYS A 227 -16.22 12.45 28.17
C LYS A 227 -17.44 12.62 29.07
N SER A 228 -18.06 11.48 29.40
CA SER A 228 -19.14 11.35 30.36
C SER A 228 -19.44 12.57 31.23
N ALA B 1 44.48 16.42 14.91
CA ALA B 1 43.13 16.52 15.45
C ALA B 1 42.29 17.57 14.71
N ASP B 2 40.99 17.38 14.70
CA ASP B 2 40.08 18.31 14.08
C ASP B 2 40.28 19.73 14.64
N ILE B 3 40.05 20.74 13.81
CA ILE B 3 39.87 22.08 14.31
C ILE B 3 38.51 22.20 14.95
N VAL B 4 38.46 22.64 16.20
CA VAL B 4 37.21 22.82 16.91
C VAL B 4 36.71 24.24 16.73
N MET B 5 35.51 24.36 16.16
CA MET B 5 34.82 25.63 15.93
C MET B 5 33.73 25.84 16.99
N THR B 6 33.82 26.90 17.75
CA THR B 6 32.91 27.15 18.85
C THR B 6 32.13 28.42 18.64
N GLN B 7 30.82 28.28 18.45
CA GLN B 7 29.94 29.42 18.28
C GLN B 7 29.27 29.81 19.57
N SER B 8 28.97 31.09 19.71
CA SER B 8 28.20 31.60 20.83
C SER B 8 27.46 32.88 20.41
N PRO B 9 26.28 33.11 20.99
CA PRO B 9 25.64 32.23 21.98
C PRO B 9 24.95 31.06 21.29
N LEU B 10 24.36 30.15 22.05
CA LEU B 10 23.64 29.02 21.48
C LEU B 10 22.31 29.49 20.90
N SER B 11 21.69 30.47 21.56
CA SER B 11 20.44 31.02 21.09
C SER B 11 20.46 32.52 21.22
N LEU B 12 19.99 33.20 20.20
CA LEU B 12 20.00 34.64 20.19
C LEU B 12 18.63 35.20 19.86
N PRO B 13 17.96 35.79 20.88
CA PRO B 13 16.69 36.46 20.63
C PRO B 13 16.97 37.79 19.94
N VAL B 14 16.35 38.04 18.81
CA VAL B 14 16.60 39.29 18.10
C VAL B 14 15.34 40.14 17.97
N THR B 15 15.53 41.42 17.73
CA THR B 15 14.45 42.38 17.58
C THR B 15 14.47 42.97 16.17
N LEU B 16 13.33 42.89 15.49
CA LEU B 16 13.22 43.37 14.13
C LEU B 16 13.72 44.81 14.01
N GLY B 17 14.48 45.05 12.96
CA GLY B 17 15.01 46.38 12.72
C GLY B 17 16.22 46.76 13.56
N GLN B 18 16.65 45.86 14.46
CA GLN B 18 17.81 46.11 15.34
C GLN B 18 18.99 45.22 15.00
N PRO B 19 20.21 45.64 15.34
CA PRO B 19 21.36 44.80 14.98
C PRO B 19 21.43 43.51 15.78
N ALA B 20 22.07 42.53 15.18
CA ALA B 20 22.42 41.30 15.88
C ALA B 20 23.87 40.91 15.53
N SER B 21 24.57 40.25 16.45
CA SER B 21 25.84 39.64 16.08
C SER B 21 26.09 38.34 16.80
N ILE B 22 26.75 37.42 16.09
CA ILE B 22 27.08 36.13 16.62
C ILE B 22 28.60 35.87 16.41
N SER B 23 29.15 35.09 17.32
CA SER B 23 30.58 34.84 17.42
C SER B 23 30.94 33.42 16.99
N CYS B 24 32.10 33.28 16.35
CA CYS B 24 32.69 32.00 16.02
C CYS B 24 34.17 32.01 16.37
N ARG B 25 34.61 31.02 17.14
CA ARG B 25 35.99 30.92 17.57
C ARG B 25 36.60 29.56 17.21
N SER B 26 37.82 29.59 16.67
CA SER B 26 38.48 28.36 16.26
C SER B 26 39.55 27.99 17.28
N SER B 27 39.86 26.69 17.39
CA SER B 27 40.85 26.20 18.33
C SER B 27 42.29 26.59 17.94
N GLN B 28 42.52 26.89 16.67
CA GLN B 28 43.80 27.47 16.25
C GLN B 28 43.63 28.35 15.01
N SER B 29 44.70 29.06 14.65
CA SER B 29 44.64 30.03 13.56
C SER B 29 44.05 29.47 12.27
N LEU B 30 43.18 30.24 11.63
CA LEU B 30 42.66 29.89 10.33
C LEU B 30 43.42 30.62 9.18
N VAL B 31 44.53 31.26 9.49
CA VAL B 31 45.35 31.84 8.44
C VAL B 31 46.10 30.72 7.73
N HIS B 32 45.76 30.53 6.46
CA HIS B 32 46.45 29.57 5.62
C HIS B 32 47.82 30.13 5.19
N SER B 33 48.73 29.23 4.83
CA SER B 33 50.02 29.63 4.26
C SER B 33 49.87 30.47 3.00
N ASP B 34 48.77 30.33 2.25
CA ASP B 34 48.59 31.14 1.05
C ASP B 34 48.10 32.56 1.38
N GLY B 35 47.94 32.85 2.67
CA GLY B 35 47.57 34.17 3.11
C GLY B 35 46.08 34.39 3.34
N ASN B 36 45.24 33.52 2.82
CA ASN B 36 43.82 33.63 3.06
C ASN B 36 43.44 33.01 4.40
N THR B 37 42.34 33.51 4.93
CA THR B 37 41.69 32.98 6.12
C THR B 37 40.34 32.38 5.71
N TYR B 38 40.27 31.06 5.65
CA TYR B 38 39.13 30.40 5.07
C TYR B 38 38.03 30.15 6.11
N LEU B 39 37.25 31.19 6.39
CA LEU B 39 36.16 31.13 7.37
C LEU B 39 34.84 31.52 6.68
N ASN B 40 33.89 30.62 6.66
CA ASN B 40 32.62 30.85 5.99
C ASN B 40 31.44 30.89 6.96
N TRP B 41 30.43 31.68 6.62
CA TRP B 41 29.17 31.72 7.37
C TRP B 41 27.98 31.26 6.54
N PHE B 42 27.12 30.45 7.15
CA PHE B 42 25.92 29.91 6.52
C PHE B 42 24.64 30.26 7.28
N GLN B 43 23.54 30.43 6.55
CA GLN B 43 22.22 30.43 7.18
C GLN B 43 21.42 29.19 6.76
N GLN B 44 20.74 28.57 7.72
CA GLN B 44 19.83 27.51 7.36
C GLN B 44 18.43 27.71 7.96
N ARG B 45 17.42 27.49 7.12
CA ARG B 45 16.02 27.50 7.54
C ARG B 45 15.53 26.08 7.73
N PRO B 46 14.47 25.89 8.55
CA PRO B 46 13.94 24.54 8.70
C PRO B 46 13.51 24.00 7.36
N GLY B 47 13.79 22.75 7.10
CA GLY B 47 13.40 22.13 5.85
C GLY B 47 14.29 22.49 4.67
N GLN B 48 15.22 23.41 4.86
CA GLN B 48 16.07 23.84 3.76
C GLN B 48 17.54 23.52 3.94
N SER B 49 18.27 23.49 2.83
CA SER B 49 19.71 23.31 2.84
C SER B 49 20.40 24.56 3.37
N PRO B 50 21.62 24.40 3.89
CA PRO B 50 22.40 25.58 4.27
C PRO B 50 22.68 26.48 3.06
N ARG B 51 22.71 27.77 3.31
CA ARG B 51 23.01 28.75 2.28
C ARG B 51 24.21 29.58 2.73
N ARG B 52 25.28 29.57 1.94
CA ARG B 52 26.45 30.35 2.29
C ARG B 52 26.21 31.84 2.08
N LEU B 53 26.55 32.63 3.08
CA LEU B 53 26.31 34.07 3.08
C LEU B 53 27.61 34.87 2.98
N ILE B 54 28.63 34.41 3.73
CA ILE B 54 29.93 35.08 3.83
CA ILE B 54 29.93 35.08 3.83
C ILE B 54 31.04 34.05 3.65
N TYR B 55 32.08 34.41 2.90
CA TYR B 55 33.24 33.52 2.76
C TYR B 55 34.57 34.31 2.92
N LYS B 56 35.63 33.60 3.29
CA LYS B 56 36.93 34.18 3.59
C LYS B 56 36.79 35.40 4.50
N VAL B 57 36.02 35.21 5.57
CA VAL B 57 35.82 36.14 6.68
C VAL B 57 34.84 37.25 6.38
N SER B 58 34.96 37.91 5.23
CA SER B 58 34.22 39.12 4.95
C SER B 58 33.70 39.30 3.52
N ASP B 59 34.05 38.41 2.60
CA ASP B 59 33.46 38.45 1.28
C ASP B 59 31.99 38.00 1.33
N ARG B 60 31.11 38.81 0.76
CA ARG B 60 29.68 38.52 0.75
CA ARG B 60 29.68 38.52 0.74
C ARG B 60 29.30 37.79 -0.54
N ASP B 61 28.59 36.67 -0.41
CA ASP B 61 28.15 35.95 -1.60
C ASP B 61 27.18 36.77 -2.45
N SER B 62 27.19 36.56 -3.77
CA SER B 62 26.27 37.24 -4.69
C SER B 62 24.81 36.99 -4.35
N GLY B 63 24.04 38.06 -4.33
CA GLY B 63 22.62 37.98 -4.03
C GLY B 63 22.32 38.01 -2.55
N VAL B 64 23.35 38.00 -1.71
CA VAL B 64 23.15 38.07 -0.27
C VAL B 64 22.99 39.53 0.12
N PRO B 65 21.94 39.85 0.90
CA PRO B 65 21.64 41.22 1.30
C PRO B 65 22.78 41.85 2.07
N ASP B 66 23.00 43.13 1.85
CA ASP B 66 24.19 43.75 2.40
C ASP B 66 24.01 44.09 3.87
N ARG B 67 22.85 43.80 4.46
CA ARG B 67 22.75 43.91 5.91
C ARG B 67 23.61 42.82 6.61
N PHE B 68 24.00 41.78 5.90
CA PHE B 68 24.96 40.81 6.46
C PHE B 68 26.40 41.25 6.20
N SER B 69 27.22 41.16 7.24
CA SER B 69 28.66 41.36 7.09
C SER B 69 29.44 40.48 8.08
N GLY B 70 30.67 40.16 7.68
CA GLY B 70 31.55 39.30 8.42
C GLY B 70 32.85 40.02 8.75
N SER B 71 33.43 39.74 9.91
CA SER B 71 34.72 40.34 10.27
C SER B 71 35.48 39.45 11.24
N GLY B 72 36.66 39.90 11.68
CA GLY B 72 37.52 39.14 12.56
C GLY B 72 38.82 38.69 11.91
N SER B 73 39.67 38.01 12.69
CA SER B 73 40.95 37.52 12.23
C SER B 73 41.47 36.41 13.14
N GLY B 74 42.33 35.57 12.59
CA GLY B 74 43.05 34.57 13.36
C GLY B 74 42.17 33.42 13.84
N THR B 75 41.62 33.55 15.04
CA THR B 75 40.76 32.57 15.67
C THR B 75 39.40 33.14 16.12
N ASP B 76 39.23 34.45 15.97
CA ASP B 76 38.01 35.10 16.45
CA ASP B 76 38.02 35.13 16.45
C ASP B 76 37.26 35.84 15.34
N PHE B 77 36.04 35.39 15.10
CA PHE B 77 35.22 35.93 14.03
C PHE B 77 33.81 36.32 14.45
N THR B 78 33.23 37.20 13.65
CA THR B 78 31.91 37.73 13.94
C THR B 78 31.08 37.92 12.66
N LEU B 79 29.84 37.43 12.74
CA LEU B 79 28.78 37.71 11.77
C LEU B 79 27.84 38.75 12.34
N LYS B 80 27.63 39.81 11.57
CA LYS B 80 26.77 40.89 11.98
C LYS B 80 25.61 41.08 11.02
N ILE B 81 24.43 41.27 11.61
CA ILE B 81 23.27 41.73 10.86
C ILE B 81 22.94 43.14 11.34
N SER B 82 22.95 44.10 10.43
CA SER B 82 22.84 45.50 10.82
C SER B 82 21.45 45.82 11.31
N ARG B 83 20.45 45.24 10.64
CA ARG B 83 19.04 45.48 10.93
C ARG B 83 18.28 44.19 10.62
N VAL B 84 17.91 43.46 11.65
CA VAL B 84 17.33 42.14 11.49
C VAL B 84 15.93 42.18 10.84
N GLU B 85 15.72 41.35 9.84
CA GLU B 85 14.40 41.18 9.24
C GLU B 85 13.84 39.80 9.57
N ALA B 86 12.53 39.64 9.46
CA ALA B 86 11.83 38.43 9.87
C ALA B 86 12.43 37.16 9.24
N GLU B 87 12.81 37.24 7.98
CA GLU B 87 13.40 36.09 7.31
C GLU B 87 14.82 35.73 7.81
N ASP B 88 15.37 36.51 8.72
CA ASP B 88 16.70 36.21 9.19
C ASP B 88 16.67 35.19 10.36
N VAL B 89 15.48 34.74 10.77
CA VAL B 89 15.43 33.71 11.81
C VAL B 89 15.96 32.39 11.24
N GLY B 90 16.48 31.54 12.10
CA GLY B 90 16.96 30.24 11.68
C GLY B 90 18.23 29.84 12.40
N VAL B 91 19.00 28.95 11.81
CA VAL B 91 20.27 28.53 12.39
C VAL B 91 21.46 28.98 11.52
N TYR B 92 22.46 29.57 12.17
CA TYR B 92 23.69 30.01 11.50
C TYR B 92 24.90 29.17 11.93
N TYR B 93 25.68 28.73 10.95
CA TYR B 93 26.88 27.95 11.19
C TYR B 93 28.12 28.67 10.66
N CYS B 94 29.24 28.53 11.34
CA CYS B 94 30.50 28.87 10.72
C CYS B 94 31.19 27.60 10.25
N MET B 95 32.14 27.76 9.33
CA MET B 95 32.90 26.64 8.77
CA MET B 95 32.90 26.64 8.78
C MET B 95 34.32 27.08 8.45
N GLN B 96 35.31 26.26 8.81
CA GLN B 96 36.72 26.56 8.44
C GLN B 96 37.15 25.68 7.28
N GLY B 97 37.85 26.28 6.33
CA GLY B 97 38.41 25.56 5.21
C GLY B 97 39.94 25.67 5.08
N THR B 98 40.60 25.94 6.20
CA THR B 98 42.05 26.09 6.22
C THR B 98 42.77 24.79 6.47
N HIS B 99 42.23 23.95 7.35
CA HIS B 99 42.86 22.69 7.73
C HIS B 99 41.97 21.53 7.36
N TRP B 100 42.48 20.61 6.56
CA TRP B 100 41.66 19.52 6.06
C TRP B 100 42.54 18.39 5.57
N PRO B 101 42.00 17.15 5.55
CA PRO B 101 40.68 16.77 6.07
C PRO B 101 40.70 16.63 7.59
N PRO B 102 39.55 16.81 8.25
CA PRO B 102 38.30 17.24 7.62
C PRO B 102 38.04 18.73 7.75
N TYR B 103 37.24 19.26 6.85
CA TYR B 103 36.61 20.55 7.07
C TYR B 103 35.70 20.43 8.27
N THR B 104 35.55 21.50 9.04
CA THR B 104 34.74 21.42 10.24
C THR B 104 33.86 22.63 10.38
N PHE B 105 32.74 22.42 11.08
CA PHE B 105 31.71 23.43 11.33
C PHE B 105 31.50 23.68 12.81
N GLY B 106 31.02 24.87 13.14
CA GLY B 106 30.48 25.14 14.45
C GLY B 106 29.17 24.39 14.68
N GLN B 107 28.67 24.41 15.91
CA GLN B 107 27.46 23.65 16.23
C GLN B 107 26.19 24.48 16.11
N GLY B 108 26.30 25.68 15.55
CA GLY B 108 25.14 26.48 15.25
C GLY B 108 24.68 27.46 16.31
N THR B 109 24.13 28.56 15.83
CA THR B 109 23.52 29.55 16.67
C THR B 109 22.10 29.81 16.17
N LYS B 110 21.13 29.54 17.03
CA LYS B 110 19.73 29.71 16.69
C LYS B 110 19.28 31.15 16.86
N VAL B 111 18.74 31.72 15.80
CA VAL B 111 18.24 33.07 15.87
C VAL B 111 16.71 33.06 15.86
N GLU B 112 16.12 33.68 16.88
CA GLU B 112 14.69 33.70 17.10
C GLU B 112 14.23 35.09 17.49
N ILE B 113 12.92 35.34 17.38
CA ILE B 113 12.34 36.64 17.70
C ILE B 113 12.13 36.82 19.18
N LYS B 114 12.60 37.95 19.70
CA LYS B 114 12.38 38.32 21.09
C LYS B 114 10.99 38.91 21.25
N ARG B 115 10.33 38.54 22.34
CA ARG B 115 9.05 39.12 22.70
C ARG B 115 8.89 39.14 24.22
N THR B 116 7.84 39.78 24.69
CA THR B 116 7.53 39.80 26.11
C THR B 116 7.26 38.40 26.64
N VAL B 117 7.64 38.18 27.90
CA VAL B 117 7.38 36.92 28.57
C VAL B 117 5.88 36.58 28.55
N ALA B 118 5.58 35.32 28.27
CA ALA B 118 4.19 34.85 28.29
C ALA B 118 4.14 33.47 28.94
N ALA B 119 3.33 33.36 30.00
CA ALA B 119 3.16 32.09 30.69
C ALA B 119 2.42 31.08 29.83
N PRO B 120 2.79 29.81 29.93
CA PRO B 120 2.05 28.78 29.20
C PRO B 120 0.68 28.53 29.83
N SER B 121 -0.33 28.29 29.01
CA SER B 121 -1.59 27.69 29.50
C SER B 121 -1.36 26.20 29.58
N VAL B 122 -1.66 25.59 30.72
CA VAL B 122 -1.36 24.17 30.88
C VAL B 122 -2.61 23.30 30.89
N PHE B 123 -2.53 22.19 30.16
CA PHE B 123 -3.61 21.22 30.08
C PHE B 123 -3.05 19.82 30.25
N ILE B 124 -3.72 18.98 31.02
CA ILE B 124 -3.39 17.57 31.13
C ILE B 124 -4.51 16.71 30.53
N PHE B 125 -4.14 15.63 29.83
CA PHE B 125 -5.09 14.72 29.19
C PHE B 125 -4.86 13.29 29.62
N PRO B 126 -5.86 12.67 30.26
CA PRO B 126 -5.74 11.25 30.58
C PRO B 126 -5.79 10.41 29.32
N PRO B 127 -5.18 9.23 29.34
CA PRO B 127 -5.32 8.26 28.26
C PRO B 127 -6.78 7.96 27.93
N SER B 128 -7.04 7.63 26.68
CA SER B 128 -8.38 7.27 26.25
C SER B 128 -8.74 5.86 26.69
N ASP B 129 -10.02 5.57 26.79
CA ASP B 129 -10.45 4.22 27.08
C ASP B 129 -10.02 3.28 25.96
N GLU B 130 -10.09 3.76 24.72
CA GLU B 130 -9.63 2.98 23.57
C GLU B 130 -8.19 2.53 23.74
N GLN B 131 -7.31 3.46 24.09
CA GLN B 131 -5.90 3.08 24.21
C GLN B 131 -5.68 2.12 25.35
N LEU B 132 -6.41 2.32 26.44
CA LEU B 132 -6.25 1.51 27.62
C LEU B 132 -6.51 0.04 27.33
N LYS B 133 -7.57 -0.25 26.59
CA LYS B 133 -7.89 -1.64 26.31
C LYS B 133 -6.95 -2.27 25.28
N SER B 134 -5.87 -1.58 24.95
CA SER B 134 -4.85 -2.15 24.09
C SER B 134 -3.59 -2.40 24.89
N GLY B 135 -3.65 -2.09 26.18
CA GLY B 135 -2.56 -2.43 27.09
C GLY B 135 -1.56 -1.34 27.40
N THR B 136 -1.81 -0.13 26.94
CA THR B 136 -0.87 0.97 27.18
C THR B 136 -1.59 2.26 27.53
N ALA B 137 -0.98 3.06 28.39
CA ALA B 137 -1.50 4.36 28.78
C ALA B 137 -0.54 5.48 28.42
N SER B 138 -1.04 6.43 27.64
CA SER B 138 -0.31 7.65 27.32
C SER B 138 -0.98 8.83 27.99
N VAL B 139 -0.24 9.52 28.85
CA VAL B 139 -0.77 10.71 29.51
C VAL B 139 -0.07 11.92 28.93
N VAL B 140 -0.84 12.94 28.57
CA VAL B 140 -0.26 14.04 27.83
C VAL B 140 -0.42 15.38 28.54
N CYS B 141 0.68 16.09 28.70
CA CYS B 141 0.64 17.44 29.22
C CYS B 141 1.00 18.47 28.14
N LEU B 142 0.13 19.46 27.98
CA LEU B 142 0.30 20.50 26.98
C LEU B 142 0.55 21.87 27.60
N LEU B 143 1.58 22.53 27.10
CA LEU B 143 1.95 23.89 27.47
C LEU B 143 1.73 24.73 26.24
N ASN B 144 0.78 25.63 26.31
CA ASN B 144 0.35 26.32 25.10
C ASN B 144 0.81 27.76 25.04
N ASN B 145 1.45 28.10 23.91
CA ASN B 145 1.83 29.47 23.55
C ASN B 145 2.58 30.25 24.62
N PHE B 146 3.77 29.81 24.97
CA PHE B 146 4.57 30.49 25.97
C PHE B 146 5.84 31.13 25.37
N TYR B 147 6.46 32.04 26.13
CA TYR B 147 7.77 32.58 25.79
C TYR B 147 8.44 33.10 27.06
N PRO B 148 9.75 32.86 27.23
CA PRO B 148 10.68 32.19 26.32
C PRO B 148 10.54 30.68 26.29
N ARG B 149 11.36 30.07 25.45
CA ARG B 149 11.27 28.67 25.12
C ARG B 149 11.58 27.79 26.31
N GLU B 150 12.43 28.27 27.20
CA GLU B 150 12.86 27.48 28.34
C GLU B 150 11.67 27.23 29.28
N ALA B 151 11.47 25.97 29.63
CA ALA B 151 10.39 25.56 30.52
C ALA B 151 10.67 24.18 31.05
N LYS B 152 10.31 23.93 32.30
CA LYS B 152 10.50 22.62 32.90
C LYS B 152 9.18 21.92 33.18
N VAL B 153 9.07 20.68 32.73
CA VAL B 153 7.88 19.88 32.96
C VAL B 153 8.21 18.65 33.79
N GLN B 154 7.57 18.51 34.94
CA GLN B 154 7.82 17.34 35.76
C GLN B 154 6.56 16.54 35.97
N TRP B 155 6.66 15.24 35.76
CA TRP B 155 5.55 14.32 36.02
C TRP B 155 5.64 13.75 37.45
N LYS B 156 4.54 13.85 38.18
CA LYS B 156 4.43 13.28 39.50
C LYS B 156 3.24 12.33 39.53
N VAL B 157 3.49 11.10 39.97
CA VAL B 157 2.44 10.10 40.07
C VAL B 157 2.30 9.67 41.52
N ASP B 158 1.14 9.99 42.11
CA ASP B 158 0.93 9.96 43.55
C ASP B 158 2.14 10.60 44.25
N ASN B 159 2.49 11.78 43.78
CA ASN B 159 3.56 12.61 44.33
C ASN B 159 4.96 12.02 44.21
N ALA B 160 5.09 10.95 43.47
CA ALA B 160 6.41 10.42 43.16
C ALA B 160 6.90 11.00 41.84
N LEU B 161 8.04 11.67 41.88
CA LEU B 161 8.62 12.29 40.70
C LEU B 161 9.04 11.23 39.68
N GLN B 162 8.61 11.39 38.44
CA GLN B 162 8.95 10.43 37.38
C GLN B 162 10.20 10.88 36.63
N SER B 163 10.97 9.91 36.11
CA SER B 163 11.98 10.22 35.10
C SER B 163 12.35 8.98 34.30
N GLY B 164 12.71 9.19 33.03
CA GLY B 164 13.10 8.10 32.17
C GLY B 164 11.94 7.56 31.36
N ASN B 165 10.72 7.95 31.69
CA ASN B 165 9.53 7.41 31.04
C ASN B 165 8.67 8.46 30.35
N SER B 166 9.26 9.58 29.97
CA SER B 166 8.50 10.55 29.20
C SER B 166 9.31 11.19 28.08
N GLN B 167 8.61 11.80 27.13
CA GLN B 167 9.25 12.46 25.99
C GLN B 167 8.54 13.78 25.68
N GLU B 168 9.30 14.77 25.25
CA GLU B 168 8.83 16.09 24.93
C GLU B 168 9.01 16.42 23.47
N SER B 169 8.21 17.35 23.00
CA SER B 169 8.28 17.82 21.66
C SER B 169 7.84 19.28 21.68
N VAL B 170 8.49 20.12 20.86
CA VAL B 170 8.27 21.55 20.89
C VAL B 170 8.07 22.11 19.49
N THR B 171 7.11 23.01 19.32
CA THR B 171 6.86 23.59 18.02
C THR B 171 7.89 24.67 17.66
N GLU B 172 8.04 24.95 16.38
CA GLU B 172 8.87 26.07 15.96
C GLU B 172 8.15 27.35 16.40
N GLN B 173 8.91 28.40 16.61
CA GLN B 173 8.37 29.68 17.06
C GLN B 173 7.23 30.11 16.14
N ASP B 174 6.15 30.58 16.72
CA ASP B 174 5.01 30.96 15.91
C ASP B 174 5.29 32.22 15.11
N SER B 175 5.00 32.18 13.82
CA SER B 175 5.30 33.32 12.96
C SER B 175 4.46 34.55 13.31
N LYS B 176 3.28 34.37 13.90
CA LYS B 176 2.43 35.50 14.21
C LYS B 176 2.59 36.03 15.63
N ASP B 177 2.71 35.17 16.64
CA ASP B 177 2.77 35.68 18.01
C ASP B 177 4.11 35.40 18.70
N SER B 178 4.98 34.68 18.01
CA SER B 178 6.34 34.44 18.46
C SER B 178 6.42 33.62 19.75
N THR B 179 5.42 32.77 20.00
CA THR B 179 5.44 31.87 21.14
C THR B 179 5.83 30.46 20.73
N TYR B 180 6.08 29.63 21.73
CA TYR B 180 6.31 28.21 21.56
C TYR B 180 5.19 27.42 22.23
N SER B 181 4.97 26.19 21.77
CA SER B 181 4.13 25.27 22.51
C SER B 181 4.88 23.98 22.75
N LEU B 182 4.47 23.20 23.73
CA LEU B 182 5.23 22.03 24.12
C LEU B 182 4.29 20.93 24.60
N SER B 183 4.58 19.71 24.19
CA SER B 183 3.83 18.56 24.66
C SER B 183 4.75 17.58 25.34
N SER B 184 4.33 17.08 26.49
CA SER B 184 5.07 16.06 27.19
C SER B 184 4.21 14.82 27.38
N THR B 185 4.74 13.67 26.97
CA THR B 185 3.98 12.43 27.04
C THR B 185 4.57 11.44 28.03
N LEU B 186 3.81 11.14 29.06
CA LEU B 186 4.16 10.10 30.02
C LEU B 186 3.61 8.76 29.52
N THR B 187 4.46 7.77 29.37
CA THR B 187 3.98 6.46 28.93
C THR B 187 4.14 5.37 29.98
N LEU B 188 3.03 4.71 30.30
CA LEU B 188 3.01 3.63 31.30
C LEU B 188 2.26 2.42 30.75
N SER B 189 2.63 1.24 31.22
CA SER B 189 1.82 0.05 30.93
C SER B 189 0.47 0.22 31.59
N LYS B 190 -0.56 -0.44 31.05
CA LYS B 190 -1.88 -0.41 31.64
C LYS B 190 -1.82 -0.90 33.10
N ALA B 191 -0.91 -1.81 33.38
CA ALA B 191 -0.76 -2.36 34.72
C ALA B 191 -0.23 -1.31 35.67
N ASP B 192 0.88 -0.68 35.30
CA ASP B 192 1.49 0.34 36.14
C ASP B 192 0.53 1.52 36.31
N TYR B 193 -0.24 1.79 35.26
CA TYR B 193 -1.15 2.92 35.28
C TYR B 193 -2.21 2.71 36.35
N GLU B 194 -2.69 1.48 36.50
CA GLU B 194 -3.78 1.21 37.43
C GLU B 194 -3.29 1.00 38.86
N LYS B 195 -1.99 1.08 39.09
CA LYS B 195 -1.44 0.94 40.43
C LYS B 195 -1.38 2.28 41.15
N HIS B 196 -1.82 3.36 40.50
CA HIS B 196 -1.73 4.68 41.11
C HIS B 196 -2.99 5.50 40.89
N LYS B 197 -3.15 6.55 41.67
CA LYS B 197 -4.36 7.36 41.63
C LYS B 197 -4.15 8.74 41.01
N VAL B 198 -3.22 9.52 41.57
CA VAL B 198 -3.07 10.92 41.18
C VAL B 198 -2.00 11.10 40.12
N TYR B 199 -2.39 11.61 38.97
CA TYR B 199 -1.48 11.91 37.86
C TYR B 199 -1.37 13.41 37.65
N ALA B 200 -0.16 13.93 37.79
CA ALA B 200 0.03 15.37 37.80
C ALA B 200 1.19 15.81 36.94
N CYS B 201 1.00 16.97 36.32
CA CYS B 201 1.99 17.59 35.47
C CYS B 201 2.34 18.96 36.06
N GLU B 202 3.60 19.13 36.47
CA GLU B 202 4.03 20.36 37.13
C GLU B 202 4.91 21.20 36.21
N VAL B 203 4.52 22.44 35.98
CA VAL B 203 5.20 23.30 35.01
C VAL B 203 5.93 24.45 35.66
N THR B 204 7.24 24.52 35.44
CA THR B 204 8.01 25.70 35.82
C THR B 204 8.35 26.56 34.59
N HIS B 205 8.07 27.86 34.69
CA HIS B 205 8.36 28.79 33.61
C HIS B 205 8.54 30.21 34.16
N GLN B 206 9.39 30.99 33.50
CA GLN B 206 9.70 32.35 33.92
C GLN B 206 8.44 33.19 34.09
N GLY B 207 7.44 32.91 33.27
CA GLY B 207 6.19 33.65 33.32
C GLY B 207 5.27 33.27 34.46
N LEU B 208 5.67 32.28 35.24
CA LEU B 208 4.84 31.79 36.35
C LEU B 208 5.53 32.05 37.67
N SER B 209 4.89 32.85 38.53
CA SER B 209 5.48 33.21 39.82
C SER B 209 5.86 31.98 40.62
N SER B 210 5.01 30.95 40.56
CA SER B 210 5.31 29.66 41.16
C SER B 210 4.84 28.57 40.20
N PRO B 211 5.44 27.38 40.30
CA PRO B 211 5.06 26.29 39.40
C PRO B 211 3.57 25.98 39.38
N VAL B 212 3.01 25.87 38.20
CA VAL B 212 1.60 25.55 38.00
C VAL B 212 1.42 24.05 37.86
N THR B 213 0.38 23.51 38.48
CA THR B 213 0.14 22.07 38.38
C THR B 213 -1.25 21.74 37.86
N LYS B 214 -1.32 20.81 36.92
CA LYS B 214 -2.60 20.27 36.47
C LYS B 214 -2.59 18.79 36.73
N SER B 215 -3.70 18.28 37.28
CA SER B 215 -3.79 16.86 37.60
C SER B 215 -5.17 16.27 37.35
N PHE B 216 -5.24 14.94 37.38
CA PHE B 216 -6.50 14.21 37.42
C PHE B 216 -6.33 12.96 38.27
N ASN B 217 -7.45 12.39 38.70
CA ASN B 217 -7.44 11.12 39.41
C ASN B 217 -7.97 10.02 38.51
N ARG B 218 -7.22 8.94 38.39
CA ARG B 218 -7.61 7.84 37.52
C ARG B 218 -8.94 7.25 37.96
N GLY B 219 -9.88 7.14 37.02
CA GLY B 219 -11.16 6.52 37.30
C GLY B 219 -12.21 7.50 37.75
N GLU B 220 -11.86 8.79 37.76
CA GLU B 220 -12.80 9.83 38.18
C GLU B 220 -12.72 11.00 37.21
N CYS B 221 -13.80 11.75 37.09
CA CYS B 221 -13.86 12.84 36.12
C CYS B 221 -14.27 14.17 36.77
N GLN C 1 -7.06 8.34 -4.58
CA GLN C 1 -7.25 6.95 -4.97
C GLN C 1 -7.19 6.72 -6.48
N VAL C 2 -6.44 5.71 -6.87
CA VAL C 2 -6.34 5.28 -8.25
C VAL C 2 -7.68 4.77 -8.78
N GLN C 3 -8.01 5.15 -10.00
CA GLN C 3 -9.17 4.61 -10.72
C GLN C 3 -8.68 3.99 -12.00
N LEU C 4 -9.16 2.80 -12.35
CA LEU C 4 -8.77 2.16 -13.59
C LEU C 4 -9.97 1.99 -14.51
N GLN C 5 -9.81 2.39 -15.77
CA GLN C 5 -10.84 2.14 -16.76
C GLN C 5 -10.29 1.24 -17.86
N GLN C 6 -11.03 0.18 -18.17
CA GLN C 6 -10.57 -0.84 -19.09
C GLN C 6 -11.49 -0.94 -20.30
N TRP C 7 -10.91 -1.15 -21.47
CA TRP C 7 -11.72 -1.33 -22.67
C TRP C 7 -11.02 -2.22 -23.67
N GLY C 8 -11.79 -2.78 -24.58
CA GLY C 8 -11.27 -3.69 -25.58
C GLY C 8 -12.26 -4.79 -25.81
N ALA C 9 -12.20 -5.41 -26.97
CA ALA C 9 -13.15 -6.43 -27.37
C ALA C 9 -12.81 -7.79 -26.76
N GLY C 10 -13.80 -8.40 -26.12
CA GLY C 10 -13.63 -9.71 -25.51
C GLY C 10 -13.93 -10.88 -26.42
N LEU C 11 -14.80 -10.66 -27.40
CA LEU C 11 -15.17 -11.71 -28.34
C LEU C 11 -14.28 -11.72 -29.57
N LEU C 12 -13.56 -12.81 -29.81
CA LEU C 12 -12.74 -12.92 -31.00
C LEU C 12 -12.59 -14.37 -31.47
N LYS C 13 -11.88 -14.56 -32.58
CA LYS C 13 -11.75 -15.88 -33.19
C LYS C 13 -10.34 -16.42 -33.00
N PRO C 14 -10.20 -17.76 -33.00
CA PRO C 14 -8.88 -18.38 -32.95
C PRO C 14 -7.89 -17.77 -33.93
N SER C 15 -6.65 -17.63 -33.48
CA SER C 15 -5.51 -17.05 -34.19
C SER C 15 -5.52 -15.53 -34.18
N GLU C 16 -6.60 -14.91 -33.72
CA GLU C 16 -6.62 -13.47 -33.68
C GLU C 16 -5.85 -12.95 -32.46
N THR C 17 -5.73 -11.64 -32.34
CA THR C 17 -4.98 -11.03 -31.25
C THR C 17 -5.90 -10.30 -30.31
N LEU C 18 -5.87 -10.68 -29.04
CA LEU C 18 -6.61 -10.00 -27.98
C LEU C 18 -5.94 -8.66 -27.67
N SER C 19 -6.71 -7.59 -27.69
CA SER C 19 -6.19 -6.25 -27.42
C SER C 19 -7.01 -5.53 -26.36
N LEU C 20 -6.45 -5.43 -25.17
CA LEU C 20 -7.12 -4.76 -24.07
C LEU C 20 -6.32 -3.57 -23.60
N ASN C 21 -7.00 -2.54 -23.12
CA ASN C 21 -6.33 -1.32 -22.70
C ASN C 21 -6.84 -0.84 -21.37
N CYS C 22 -6.01 -0.05 -20.68
CA CYS C 22 -6.40 0.57 -19.43
C CYS C 22 -5.90 1.99 -19.32
N ALA C 23 -6.71 2.84 -18.72
CA ALA C 23 -6.34 4.21 -18.47
C ALA C 23 -6.36 4.49 -16.98
N VAL C 24 -5.38 5.23 -16.51
CA VAL C 24 -5.19 5.48 -15.09
C VAL C 24 -5.60 6.88 -14.71
N TYR C 25 -6.51 7.00 -13.75
CA TYR C 25 -6.88 8.31 -13.23
C TYR C 25 -6.69 8.40 -11.72
N GLY C 26 -6.64 9.62 -11.19
CA GLY C 26 -6.69 9.82 -9.76
C GLY C 26 -5.33 9.90 -9.08
N GLU C 27 -4.34 9.24 -9.64
CA GLU C 27 -3.00 9.25 -9.09
C GLU C 27 -1.97 9.26 -10.20
N SER C 28 -0.71 9.41 -9.81
CA SER C 28 0.40 9.42 -10.75
C SER C 28 0.57 8.10 -11.48
N PHE C 29 1.01 8.18 -12.72
CA PHE C 29 1.26 7.01 -13.51
C PHE C 29 2.62 6.44 -13.19
N SER C 30 3.51 7.28 -12.68
CA SER C 30 4.84 6.83 -12.26
C SER C 30 4.81 6.31 -10.82
N GLY C 31 5.78 5.47 -10.48
CA GLY C 31 5.90 4.99 -9.11
C GLY C 31 5.62 3.51 -8.88
N TYR C 32 4.92 2.88 -9.82
CA TYR C 32 4.54 1.49 -9.69
C TYR C 32 4.31 0.86 -11.05
N TYR C 33 4.43 -0.47 -11.09
CA TYR C 33 4.17 -1.22 -12.29
C TYR C 33 2.66 -1.33 -12.53
N TRP C 34 2.29 -1.54 -13.78
CA TRP C 34 0.90 -1.70 -14.14
C TRP C 34 0.77 -3.05 -14.80
N SER C 35 -0.16 -3.87 -14.31
CA SER C 35 -0.19 -5.30 -14.61
C SER C 35 -1.43 -5.78 -15.32
N TRP C 36 -1.31 -6.95 -15.92
CA TRP C 36 -2.41 -7.64 -16.53
C TRP C 36 -2.49 -9.03 -15.92
N ILE C 37 -3.67 -9.41 -15.47
CA ILE C 37 -3.88 -10.70 -14.84
C ILE C 37 -5.12 -11.34 -15.45
N ARG C 38 -5.16 -12.66 -15.58
CA ARG C 38 -6.36 -13.33 -16.05
C ARG C 38 -6.86 -14.45 -15.14
N GLN C 39 -8.12 -14.78 -15.32
CA GLN C 39 -8.80 -15.74 -14.48
C GLN C 39 -9.55 -16.75 -15.34
N PRO C 40 -8.87 -17.85 -15.69
CA PRO C 40 -9.48 -18.86 -16.55
C PRO C 40 -10.40 -19.73 -15.72
N PRO C 41 -11.46 -20.28 -16.34
CA PRO C 41 -12.39 -21.15 -15.62
C PRO C 41 -11.64 -22.30 -15.00
N GLY C 42 -11.78 -22.50 -13.70
CA GLY C 42 -11.13 -23.60 -13.04
C GLY C 42 -9.61 -23.58 -12.99
N LYS C 43 -8.99 -22.41 -13.17
CA LYS C 43 -7.53 -22.37 -13.08
C LYS C 43 -6.97 -21.21 -12.26
N GLY C 44 -7.76 -20.71 -11.32
CA GLY C 44 -7.27 -19.66 -10.45
C GLY C 44 -6.91 -18.37 -11.18
N LEU C 45 -5.87 -17.70 -10.70
CA LEU C 45 -5.47 -16.43 -11.23
C LEU C 45 -4.06 -16.52 -11.80
N GLU C 46 -3.87 -15.97 -13.00
CA GLU C 46 -2.58 -16.05 -13.68
C GLU C 46 -2.06 -14.65 -14.04
N TRP C 47 -0.92 -14.30 -13.47
CA TRP C 47 -0.28 -13.03 -13.79
C TRP C 47 0.33 -13.12 -15.18
N ILE C 48 0.02 -12.16 -16.05
CA ILE C 48 0.52 -12.23 -17.42
C ILE C 48 1.81 -11.42 -17.63
N GLY C 49 1.83 -10.21 -17.10
CA GLY C 49 3.01 -9.36 -17.16
C GLY C 49 2.71 -7.95 -16.71
N GLU C 50 3.71 -7.08 -16.77
CA GLU C 50 3.59 -5.71 -16.27
C GLU C 50 4.54 -4.75 -17.00
N ILE C 51 4.29 -3.46 -16.84
CA ILE C 51 5.17 -2.44 -17.40
C ILE C 51 5.10 -1.21 -16.51
N ASN C 52 6.19 -0.44 -16.43
CA ASN C 52 6.13 0.84 -15.72
C ASN C 52 6.16 2.00 -16.72
N HIS C 53 6.20 3.22 -16.22
CA HIS C 53 6.02 4.37 -17.07
C HIS C 53 7.22 4.57 -17.99
N SER C 54 8.39 4.09 -17.59
CA SER C 54 9.60 4.18 -18.39
CA SER C 54 9.58 4.21 -18.41
C SER C 54 9.68 3.05 -19.39
N GLY C 55 8.65 2.20 -19.41
CA GLY C 55 8.60 1.09 -20.33
C GLY C 55 9.33 -0.18 -19.95
N SER C 56 9.87 -0.26 -18.74
CA SER C 56 10.44 -1.52 -18.26
C SER C 56 9.34 -2.57 -18.07
N THR C 57 9.52 -3.75 -18.64
CA THR C 57 8.55 -4.83 -18.56
C THR C 57 9.04 -6.06 -17.77
N ASN C 58 8.08 -6.83 -17.31
CA ASN C 58 8.33 -8.18 -16.82
C ASN C 58 7.24 -9.08 -17.35
N TYR C 59 7.60 -10.28 -17.80
CA TYR C 59 6.63 -11.15 -18.42
C TYR C 59 6.58 -12.52 -17.77
N ASN C 60 5.39 -13.10 -17.73
CA ASN C 60 5.27 -14.50 -17.39
C ASN C 60 5.95 -15.30 -18.48
N PRO C 61 6.88 -16.19 -18.11
CA PRO C 61 7.58 -16.96 -19.14
C PRO C 61 6.63 -17.81 -19.98
N SER C 62 5.56 -18.33 -19.38
CA SER C 62 4.68 -19.24 -20.09
C SER C 62 3.96 -18.53 -21.22
N LEU C 63 3.94 -17.20 -21.18
CA LEU C 63 3.18 -16.44 -22.16
C LEU C 63 4.05 -15.48 -22.96
N LYS C 64 5.32 -15.42 -22.61
CA LYS C 64 6.23 -14.41 -23.13
C LYS C 64 6.28 -14.32 -24.67
N SER C 65 6.21 -15.45 -25.34
CA SER C 65 6.30 -15.45 -26.79
C SER C 65 5.09 -14.85 -27.47
N ARG C 66 3.96 -14.77 -26.77
CA ARG C 66 2.75 -14.29 -27.40
C ARG C 66 2.29 -12.95 -26.87
N VAL C 67 2.97 -12.48 -25.83
CA VAL C 67 2.49 -11.31 -25.13
C VAL C 67 3.35 -10.08 -25.38
N THR C 68 2.68 -8.96 -25.61
CA THR C 68 3.32 -7.67 -25.70
C THR C 68 2.53 -6.67 -24.88
N ILE C 69 3.18 -6.09 -23.89
CA ILE C 69 2.59 -5.04 -23.10
C ILE C 69 3.31 -3.74 -23.39
N SER C 70 2.53 -2.69 -23.60
CA SER C 70 3.08 -1.41 -23.97
C SER C 70 2.41 -0.30 -23.18
N VAL C 71 3.01 0.88 -23.23
CA VAL C 71 2.56 2.00 -22.43
C VAL C 71 2.52 3.30 -23.26
N ASP C 72 1.62 4.21 -22.91
CA ASP C 72 1.57 5.55 -23.49
C ASP C 72 1.42 6.56 -22.36
N THR C 73 2.55 7.11 -21.94
CA THR C 73 2.59 7.95 -20.75
C THR C 73 1.86 9.27 -20.94
N SER C 74 1.80 9.72 -22.18
CA SER C 74 1.17 11.00 -22.46
C SER C 74 -0.33 10.92 -22.21
N LYS C 75 -0.83 9.69 -22.13
CA LYS C 75 -2.24 9.44 -21.88
C LYS C 75 -2.48 8.64 -20.59
N ASN C 76 -1.41 8.28 -19.89
CA ASN C 76 -1.53 7.46 -18.67
C ASN C 76 -2.28 6.19 -18.99
N GLN C 77 -1.81 5.51 -20.03
CA GLN C 77 -2.48 4.36 -20.56
C GLN C 77 -1.47 3.27 -20.75
N PHE C 78 -1.91 2.03 -20.62
CA PHE C 78 -1.07 0.90 -20.97
C PHE C 78 -1.95 -0.18 -21.57
N SER C 79 -1.33 -1.12 -22.26
CA SER C 79 -2.09 -2.04 -23.10
C SER C 79 -1.50 -3.43 -23.09
N LEU C 80 -2.37 -4.41 -23.35
CA LEU C 80 -1.98 -5.78 -23.54
C LEU C 80 -2.34 -6.26 -24.95
N LYS C 81 -1.44 -7.00 -25.56
CA LYS C 81 -1.71 -7.67 -26.80
C LYS C 81 -1.32 -9.14 -26.70
N LEU C 82 -2.29 -10.01 -26.88
CA LEU C 82 -2.04 -11.44 -26.80
C LEU C 82 -2.35 -12.05 -28.14
N SER C 83 -1.33 -12.57 -28.80
CA SER C 83 -1.47 -12.98 -30.18
C SER C 83 -1.77 -14.46 -30.29
N SER C 84 -2.23 -14.86 -31.46
CA SER C 84 -2.54 -16.24 -31.79
C SER C 84 -3.40 -16.94 -30.72
N VAL C 85 -4.51 -16.34 -30.34
CA VAL C 85 -5.31 -16.87 -29.25
C VAL C 85 -6.00 -18.17 -29.62
N THR C 86 -6.27 -18.97 -28.60
CA THR C 86 -7.05 -20.18 -28.72
C THR C 86 -8.03 -20.25 -27.56
N ALA C 87 -8.89 -21.26 -27.56
CA ALA C 87 -9.85 -21.41 -26.47
C ALA C 87 -9.16 -21.45 -25.10
N ALA C 88 -7.89 -21.87 -25.07
CA ALA C 88 -7.12 -21.89 -23.84
C ALA C 88 -6.93 -20.50 -23.24
N ASP C 89 -7.18 -19.46 -24.03
CA ASP C 89 -6.99 -18.10 -23.54
C ASP C 89 -8.26 -17.46 -23.03
N ALA C 90 -9.37 -18.19 -23.06
CA ALA C 90 -10.62 -17.67 -22.56
C ALA C 90 -10.55 -17.53 -21.03
N ALA C 91 -10.95 -16.37 -20.53
CA ALA C 91 -10.77 -16.01 -19.13
C ALA C 91 -11.33 -14.62 -18.93
N ILE C 92 -11.47 -14.21 -17.67
CA ILE C 92 -11.71 -12.81 -17.38
C ILE C 92 -10.33 -12.13 -17.22
N TYR C 93 -10.11 -11.06 -17.96
CA TYR C 93 -8.85 -10.35 -17.95
C TYR C 93 -8.98 -9.06 -17.12
N TYR C 94 -7.99 -8.76 -16.30
CA TYR C 94 -7.98 -7.53 -15.52
C TYR C 94 -6.66 -6.79 -15.66
N CYS C 95 -6.70 -5.47 -15.64
CA CYS C 95 -5.51 -4.72 -15.34
C CYS C 95 -5.55 -4.34 -13.86
N ALA C 96 -4.38 -4.28 -13.25
CA ALA C 96 -4.24 -3.96 -11.83
C ALA C 96 -2.97 -3.15 -11.55
N ARG C 97 -3.00 -2.31 -10.52
CA ARG C 97 -1.76 -1.66 -10.07
C ARG C 97 -0.89 -2.71 -9.36
N GLY C 98 0.36 -2.86 -9.78
CA GLY C 98 1.25 -3.83 -9.17
C GLY C 98 2.03 -3.28 -7.99
N TYR C 99 3.27 -3.71 -7.86
CA TYR C 99 4.11 -3.19 -6.79
C TYR C 99 4.80 -1.89 -7.17
N ALA C 100 5.40 -1.24 -6.19
CA ALA C 100 6.21 -0.05 -6.42
C ALA C 100 7.36 -0.43 -7.35
N ASP C 101 7.87 0.52 -8.14
CA ASP C 101 8.87 0.18 -9.15
C ASP C 101 10.32 0.45 -8.74
N THR C 102 10.53 0.87 -7.50
CA THR C 102 11.88 0.92 -6.96
C THR C 102 11.96 0.18 -5.63
N PRO C 103 13.12 -0.41 -5.34
CA PRO C 103 13.29 -1.19 -4.10
C PRO C 103 12.86 -0.49 -2.83
N VAL C 104 13.15 0.79 -2.66
CA VAL C 104 12.83 1.40 -1.39
C VAL C 104 11.32 1.57 -1.20
N PHE C 105 10.58 1.90 -2.25
CA PHE C 105 9.13 2.04 -2.12
C PHE C 105 8.41 0.69 -2.09
N ARG C 106 8.98 -0.32 -2.72
CA ARG C 106 8.47 -1.67 -2.60
C ARG C 106 8.59 -2.11 -1.16
N ARG C 107 9.70 -1.76 -0.52
CA ARG C 107 9.97 -2.17 0.85
C ARG C 107 8.98 -1.56 1.85
N TYR C 108 8.58 -0.31 1.64
CA TYR C 108 7.87 0.43 2.67
C TYR C 108 6.45 0.88 2.34
N TYR C 109 6.07 0.82 1.07
CA TYR C 109 4.75 1.28 0.68
C TYR C 109 3.79 0.11 0.40
N TYR C 110 2.53 0.34 0.69
CA TYR C 110 1.47 -0.68 0.64
C TYR C 110 1.14 -1.26 -0.74
N TYR C 111 1.58 -0.61 -1.82
CA TYR C 111 1.25 -1.03 -3.18
C TYR C 111 1.51 -2.51 -3.45
N GLY C 112 0.64 -3.13 -4.23
CA GLY C 112 0.88 -4.47 -4.71
C GLY C 112 -0.39 -5.23 -5.06
N MET C 113 -0.87 -5.03 -6.28
CA MET C 113 -2.11 -5.67 -6.73
C MET C 113 -3.28 -5.24 -5.87
N ASP C 114 -3.27 -3.97 -5.47
CA ASP C 114 -4.22 -3.47 -4.52
C ASP C 114 -5.39 -2.71 -5.17
N VAL C 115 -5.24 -2.43 -6.47
CA VAL C 115 -6.29 -1.79 -7.27
C VAL C 115 -6.54 -2.59 -8.54
N TRP C 116 -7.80 -2.88 -8.82
CA TRP C 116 -8.17 -3.73 -9.94
C TRP C 116 -9.27 -3.06 -10.77
N ALA C 117 -9.21 -3.19 -12.07
CA ALA C 117 -10.29 -2.72 -12.92
C ALA C 117 -11.44 -3.73 -12.95
N LYS C 118 -12.54 -3.35 -13.58
CA LYS C 118 -13.61 -4.29 -13.87
C LYS C 118 -13.11 -5.23 -14.96
N GLY C 119 -13.42 -6.51 -14.81
CA GLY C 119 -12.90 -7.51 -15.71
C GLY C 119 -13.52 -7.54 -17.09
N THR C 120 -12.72 -7.94 -18.07
CA THR C 120 -13.24 -8.20 -19.41
C THR C 120 -13.35 -9.69 -19.67
N THR C 121 -14.55 -10.16 -19.94
CA THR C 121 -14.74 -11.55 -20.32
C THR C 121 -14.29 -11.80 -21.76
N VAL C 122 -13.32 -12.68 -21.94
CA VAL C 122 -12.80 -12.98 -23.25
C VAL C 122 -13.21 -14.37 -23.65
N THR C 123 -13.83 -14.46 -24.83
CA THR C 123 -14.32 -15.72 -25.32
C THR C 123 -13.69 -15.96 -26.67
N VAL C 124 -13.28 -17.18 -26.93
CA VAL C 124 -12.64 -17.48 -28.20
C VAL C 124 -13.43 -18.53 -28.96
N SER C 125 -13.92 -18.16 -30.14
CA SER C 125 -14.66 -19.09 -30.95
C SER C 125 -14.64 -18.70 -32.41
N SER C 126 -14.66 -19.69 -33.29
CA SER C 126 -14.68 -19.41 -34.71
C SER C 126 -16.09 -19.14 -35.20
N ALA C 127 -17.07 -19.36 -34.33
CA ALA C 127 -18.49 -19.41 -34.72
C ALA C 127 -19.06 -18.05 -35.03
N SER C 128 -19.83 -18.01 -36.10
CA SER C 128 -20.67 -16.85 -36.35
C SER C 128 -21.99 -17.05 -35.63
N THR C 129 -22.72 -15.97 -35.44
CA THR C 129 -24.02 -15.98 -34.81
C THR C 129 -24.97 -17.04 -35.34
N LYS C 130 -25.60 -17.76 -34.42
CA LYS C 130 -26.51 -18.84 -34.76
C LYS C 130 -27.53 -19.02 -33.65
N GLY C 131 -28.80 -19.10 -34.01
CA GLY C 131 -29.85 -19.31 -33.03
C GLY C 131 -29.88 -20.74 -32.54
N PRO C 132 -30.46 -20.96 -31.35
CA PRO C 132 -30.51 -22.31 -30.79
C PRO C 132 -31.57 -23.22 -31.42
N SER C 133 -31.29 -24.51 -31.40
CA SER C 133 -32.32 -25.51 -31.54
C SER C 133 -32.86 -25.85 -30.16
N VAL C 134 -34.16 -25.97 -30.00
CA VAL C 134 -34.73 -26.33 -28.72
C VAL C 134 -35.37 -27.72 -28.78
N PHE C 135 -34.82 -28.63 -27.99
CA PHE C 135 -35.26 -30.02 -27.95
C PHE C 135 -35.89 -30.33 -26.60
N PRO C 136 -36.94 -31.14 -26.60
CA PRO C 136 -37.60 -31.35 -25.31
C PRO C 136 -36.85 -32.34 -24.43
N LEU C 137 -37.03 -32.21 -23.13
CA LEU C 137 -36.56 -33.19 -22.18
C LEU C 137 -37.80 -33.77 -21.52
N ALA C 138 -38.30 -34.86 -22.09
CA ALA C 138 -39.61 -35.38 -21.73
C ALA C 138 -39.57 -36.14 -20.41
N PRO C 139 -40.52 -35.84 -19.51
CA PRO C 139 -40.56 -36.42 -18.17
C PRO C 139 -40.60 -37.94 -18.20
N GLY C 147 -43.62 -39.02 -6.09
CA GLY C 147 -44.70 -38.17 -6.58
C GLY C 147 -44.19 -36.83 -7.08
N THR C 148 -43.00 -36.83 -7.69
CA THR C 148 -42.41 -35.62 -8.29
C THR C 148 -41.71 -35.97 -9.59
N ALA C 149 -41.99 -35.22 -10.65
CA ALA C 149 -41.35 -35.47 -11.93
C ALA C 149 -40.44 -34.32 -12.35
N ALA C 150 -39.50 -34.61 -13.26
CA ALA C 150 -38.58 -33.62 -13.79
C ALA C 150 -38.64 -33.54 -15.32
N LEU C 151 -38.77 -32.34 -15.84
CA LEU C 151 -38.78 -32.14 -17.29
C LEU C 151 -37.95 -30.90 -17.64
N GLY C 152 -37.68 -30.70 -18.93
CA GLY C 152 -36.91 -29.55 -19.35
C GLY C 152 -36.83 -29.26 -20.83
N CYS C 153 -35.87 -28.42 -21.20
CA CYS C 153 -35.56 -28.09 -22.58
C CYS C 153 -34.07 -28.08 -22.82
N LEU C 154 -33.63 -28.78 -23.85
CA LEU C 154 -32.24 -28.74 -24.25
C LEU C 154 -32.02 -27.66 -25.30
N VAL C 155 -31.28 -26.62 -24.94
CA VAL C 155 -31.05 -25.47 -25.79
C VAL C 155 -29.66 -25.57 -26.40
N LYS C 156 -29.58 -26.08 -27.62
CA LYS C 156 -28.32 -26.56 -28.18
C LYS C 156 -27.85 -25.76 -29.39
N ASP C 157 -26.54 -25.59 -29.48
CA ASP C 157 -25.82 -25.06 -30.64
C ASP C 157 -26.16 -23.60 -30.99
N TYR C 158 -25.84 -22.68 -30.09
CA TYR C 158 -26.03 -21.26 -30.37
C TYR C 158 -24.77 -20.45 -30.13
N PHE C 159 -24.73 -19.23 -30.68
CA PHE C 159 -23.64 -18.30 -30.45
C PHE C 159 -24.10 -16.90 -30.81
N PRO C 160 -23.65 -15.86 -30.07
CA PRO C 160 -22.90 -15.93 -28.83
C PRO C 160 -23.82 -15.99 -27.63
N GLU C 161 -23.27 -15.84 -26.44
CA GLU C 161 -24.09 -15.65 -25.26
C GLU C 161 -24.77 -14.30 -25.42
N PRO C 162 -25.90 -14.07 -24.74
CA PRO C 162 -26.60 -15.01 -23.87
C PRO C 162 -27.92 -15.50 -24.44
N VAL C 163 -28.54 -16.47 -23.78
CA VAL C 163 -29.94 -16.79 -24.04
C VAL C 163 -30.70 -16.63 -22.74
N THR C 164 -32.02 -16.43 -22.85
CA THR C 164 -32.85 -16.40 -21.66
C THR C 164 -33.88 -17.50 -21.78
N VAL C 165 -34.29 -18.03 -20.63
CA VAL C 165 -35.24 -19.12 -20.58
C VAL C 165 -36.20 -18.86 -19.45
N SER C 166 -37.49 -18.90 -19.76
CA SER C 166 -38.52 -18.82 -18.74
C SER C 166 -39.50 -19.96 -19.01
N TRP C 167 -40.30 -20.32 -18.01
CA TRP C 167 -41.30 -21.37 -18.17
C TRP C 167 -42.71 -20.80 -18.05
N ASN C 168 -43.62 -21.30 -18.88
CA ASN C 168 -45.00 -20.82 -18.95
C ASN C 168 -45.06 -19.30 -18.88
N SER C 169 -44.30 -18.65 -19.74
CA SER C 169 -44.25 -17.20 -19.84
C SER C 169 -43.98 -16.49 -18.51
N GLY C 170 -43.22 -17.14 -17.63
CA GLY C 170 -42.80 -16.52 -16.39
C GLY C 170 -43.68 -16.89 -15.22
N ALA C 171 -44.73 -17.66 -15.49
CA ALA C 171 -45.68 -18.06 -14.46
C ALA C 171 -45.08 -19.11 -13.55
N LEU C 172 -44.16 -19.92 -14.08
CA LEU C 172 -43.55 -21.00 -13.31
C LEU C 172 -42.07 -20.71 -12.99
N THR C 173 -41.77 -20.56 -11.70
CA THR C 173 -40.42 -20.21 -11.26
C THR C 173 -39.84 -21.16 -10.22
N SER C 174 -40.66 -21.58 -9.26
CA SER C 174 -40.19 -22.49 -8.21
C SER C 174 -39.63 -23.78 -8.79
N GLY C 175 -38.49 -24.22 -8.27
CA GLY C 175 -37.87 -25.44 -8.72
C GLY C 175 -37.27 -25.43 -10.12
N VAL C 176 -37.15 -24.25 -10.74
CA VAL C 176 -36.49 -24.16 -12.05
C VAL C 176 -34.96 -24.04 -11.93
N HIS C 177 -34.25 -24.89 -12.66
CA HIS C 177 -32.80 -24.80 -12.74
C HIS C 177 -32.33 -24.65 -14.17
N THR C 178 -31.79 -23.48 -14.49
CA THR C 178 -31.25 -23.23 -15.80
C THR C 178 -29.72 -23.19 -15.69
N PHE C 179 -29.07 -24.14 -16.34
CA PHE C 179 -27.64 -24.37 -16.16
C PHE C 179 -26.80 -23.38 -16.98
N PRO C 180 -25.59 -23.07 -16.49
CA PRO C 180 -24.65 -22.28 -17.27
C PRO C 180 -24.35 -22.98 -18.56
N ALA C 181 -24.22 -22.22 -19.63
CA ALA C 181 -23.90 -22.77 -20.95
C ALA C 181 -22.51 -23.33 -20.95
N VAL C 182 -22.28 -24.32 -21.78
CA VAL C 182 -20.93 -24.80 -22.00
C VAL C 182 -20.55 -24.59 -23.47
N LEU C 183 -19.35 -24.08 -23.71
CA LEU C 183 -18.86 -23.93 -25.08
C LEU C 183 -18.37 -25.28 -25.56
N GLN C 184 -18.88 -25.73 -26.69
CA GLN C 184 -18.51 -27.01 -27.24
C GLN C 184 -17.31 -26.83 -28.14
N SER C 185 -16.70 -27.93 -28.57
CA SER C 185 -15.52 -27.84 -29.42
C SER C 185 -15.87 -27.18 -30.75
N SER C 186 -17.14 -27.24 -31.11
CA SER C 186 -17.63 -26.62 -32.34
C SER C 186 -17.62 -25.10 -32.27
N GLY C 187 -17.47 -24.57 -31.06
CA GLY C 187 -17.48 -23.13 -30.88
C GLY C 187 -18.87 -22.60 -30.62
N LEU C 188 -19.84 -23.51 -30.47
CA LEU C 188 -21.22 -23.17 -30.16
C LEU C 188 -21.59 -23.55 -28.72
N TYR C 189 -22.45 -22.76 -28.10
CA TYR C 189 -22.88 -23.05 -26.75
C TYR C 189 -24.00 -24.07 -26.71
N SER C 190 -24.17 -24.66 -25.54
CA SER C 190 -25.31 -25.52 -25.29
C SER C 190 -25.66 -25.50 -23.80
N LEU C 191 -26.92 -25.69 -23.46
CA LEU C 191 -27.34 -25.77 -22.05
C LEU C 191 -28.71 -26.41 -21.94
N SER C 192 -29.09 -26.82 -20.74
CA SER C 192 -30.48 -27.22 -20.55
C SER C 192 -31.10 -26.49 -19.38
N SER C 193 -32.41 -26.36 -19.41
CA SER C 193 -33.19 -25.77 -18.34
C SER C 193 -34.21 -26.79 -17.86
N VAL C 194 -34.29 -27.01 -16.56
CA VAL C 194 -35.13 -28.04 -16.00
C VAL C 194 -35.99 -27.49 -14.87
N VAL C 195 -37.03 -28.23 -14.54
CA VAL C 195 -37.91 -27.88 -13.44
C VAL C 195 -38.54 -29.15 -12.89
N THR C 196 -38.74 -29.19 -11.59
CA THR C 196 -39.41 -30.33 -10.96
C THR C 196 -40.83 -29.95 -10.64
N VAL C 197 -41.75 -30.85 -10.96
CA VAL C 197 -43.17 -30.61 -10.79
C VAL C 197 -43.86 -31.82 -10.16
N PRO C 198 -45.00 -31.59 -9.48
CA PRO C 198 -45.81 -32.69 -8.96
C PRO C 198 -46.13 -33.72 -10.04
N SER C 199 -45.85 -34.99 -9.75
CA SER C 199 -46.01 -36.06 -10.73
C SER C 199 -47.45 -36.24 -11.19
N SER C 200 -48.39 -35.67 -10.43
CA SER C 200 -49.80 -35.77 -10.78
C SER C 200 -50.14 -34.98 -12.04
N SER C 201 -49.20 -34.17 -12.51
CA SER C 201 -49.35 -33.49 -13.80
C SER C 201 -48.41 -34.09 -14.84
N GLN C 205 -51.21 -30.52 -16.50
CA GLN C 205 -50.76 -29.15 -16.69
C GLN C 205 -49.83 -29.03 -17.90
N THR C 206 -49.98 -27.94 -18.64
CA THR C 206 -49.13 -27.68 -19.78
C THR C 206 -47.86 -26.95 -19.39
N TYR C 207 -46.72 -27.46 -19.85
CA TYR C 207 -45.44 -26.85 -19.56
C TYR C 207 -44.73 -26.45 -20.84
N ILE C 208 -44.44 -25.15 -20.95
CA ILE C 208 -43.75 -24.61 -22.11
C ILE C 208 -42.54 -23.79 -21.68
N CYS C 209 -41.41 -24.00 -22.35
CA CYS C 209 -40.20 -23.24 -22.06
C CYS C 209 -40.03 -22.11 -23.07
N ASN C 210 -39.83 -20.90 -22.57
CA ASN C 210 -39.71 -19.75 -23.45
C ASN C 210 -38.24 -19.34 -23.64
N VAL C 211 -37.70 -19.69 -24.79
CA VAL C 211 -36.31 -19.43 -25.13
C VAL C 211 -36.14 -18.21 -26.04
N ASN C 212 -35.32 -17.26 -25.62
CA ASN C 212 -35.02 -16.08 -26.41
CA ASN C 212 -35.03 -16.09 -26.43
C ASN C 212 -33.53 -15.91 -26.62
N HIS C 213 -33.13 -15.67 -27.87
CA HIS C 213 -31.75 -15.44 -28.23
C HIS C 213 -31.66 -14.20 -29.10
N LYS C 214 -31.46 -13.06 -28.45
CA LYS C 214 -31.49 -11.78 -29.11
C LYS C 214 -30.51 -11.60 -30.29
N PRO C 215 -29.27 -12.13 -30.20
CA PRO C 215 -28.38 -11.89 -31.34
C PRO C 215 -28.91 -12.42 -32.66
N SER C 216 -29.71 -13.48 -32.62
CA SER C 216 -30.22 -14.07 -33.84
C SER C 216 -31.71 -13.81 -34.01
N ASN C 217 -32.29 -13.04 -33.11
CA ASN C 217 -33.71 -12.73 -33.12
C ASN C 217 -34.55 -13.99 -33.09
N THR C 218 -34.14 -14.91 -32.25
CA THR C 218 -34.82 -16.18 -32.15
C THR C 218 -35.73 -16.14 -30.95
N LYS C 219 -36.98 -16.54 -31.16
CA LYS C 219 -37.91 -16.77 -30.06
C LYS C 219 -38.54 -18.11 -30.30
N VAL C 220 -38.33 -19.02 -29.37
CA VAL C 220 -38.82 -20.38 -29.50
C VAL C 220 -39.59 -20.77 -28.25
N ASP C 221 -40.84 -21.16 -28.45
CA ASP C 221 -41.61 -21.73 -27.37
C ASP C 221 -41.80 -23.20 -27.70
N LYS C 222 -41.34 -24.07 -26.82
CA LYS C 222 -41.33 -25.49 -27.07
C LYS C 222 -42.12 -26.20 -26.00
N ARG C 223 -43.23 -26.81 -26.40
CA ARG C 223 -44.07 -27.52 -25.44
C ARG C 223 -43.46 -28.87 -25.13
N VAL C 224 -43.33 -29.15 -23.83
CA VAL C 224 -42.75 -30.40 -23.38
C VAL C 224 -43.82 -31.25 -22.73
N GLU C 225 -43.95 -32.48 -23.21
CA GLU C 225 -45.02 -33.37 -22.75
C GLU C 225 -44.54 -34.82 -22.78
N PRO C 226 -45.20 -35.69 -22.00
CA PRO C 226 -44.82 -37.10 -22.03
C PRO C 226 -45.03 -37.73 -23.40
N ALA D 1 11.70 -23.07 -11.33
CA ALA D 1 10.28 -22.96 -11.68
C ALA D 1 9.48 -22.00 -10.79
N ASP D 2 8.30 -21.64 -11.26
CA ASP D 2 7.37 -20.83 -10.47
C ASP D 2 7.29 -21.27 -9.00
N ILE D 3 7.01 -20.32 -8.11
CA ILE D 3 6.60 -20.64 -6.78
C ILE D 3 5.18 -21.17 -6.83
N VAL D 4 4.99 -22.41 -6.40
CA VAL D 4 3.67 -23.02 -6.33
C VAL D 4 2.99 -22.66 -5.02
N MET D 5 1.77 -22.14 -5.12
CA MET D 5 0.96 -21.77 -3.96
C MET D 5 -0.23 -22.75 -3.82
N THR D 6 -0.30 -23.44 -2.69
CA THR D 6 -1.28 -24.47 -2.43
C THR D 6 -2.27 -24.07 -1.35
N GLN D 7 -3.54 -23.92 -1.68
CA GLN D 7 -4.53 -23.56 -0.68
C GLN D 7 -5.21 -24.81 -0.18
N SER D 8 -5.75 -24.75 1.03
CA SER D 8 -6.42 -25.86 1.66
C SER D 8 -7.44 -25.35 2.67
N PRO D 9 -8.69 -25.83 2.60
CA PRO D 9 -9.23 -26.76 1.61
C PRO D 9 -9.58 -26.00 0.34
N LEU D 10 -9.88 -26.67 -0.75
CA LEU D 10 -10.33 -25.99 -1.95
C LEU D 10 -11.79 -25.58 -1.84
N SER D 11 -12.54 -26.28 -1.00
CA SER D 11 -13.94 -25.93 -0.72
C SER D 11 -14.15 -25.79 0.78
N LEU D 12 -14.63 -24.64 1.23
CA LEU D 12 -14.81 -24.38 2.65
C LEU D 12 -16.26 -24.09 3.04
N PRO D 13 -16.97 -25.10 3.55
CA PRO D 13 -18.32 -24.89 4.09
C PRO D 13 -18.21 -24.08 5.37
N VAL D 14 -18.98 -23.03 5.49
CA VAL D 14 -18.96 -22.22 6.69
C VAL D 14 -20.37 -22.08 7.27
N THR D 15 -20.41 -21.59 8.49
CA THR D 15 -21.63 -21.33 9.19
C THR D 15 -21.67 -19.88 9.58
N LEU D 16 -22.72 -19.18 9.19
CA LEU D 16 -22.80 -17.77 9.51
C LEU D 16 -22.76 -17.58 11.02
N GLY D 17 -22.04 -16.56 11.46
CA GLY D 17 -21.85 -16.32 12.88
C GLY D 17 -20.63 -17.00 13.48
N GLN D 18 -20.07 -17.97 12.77
CA GLN D 18 -18.94 -18.77 13.26
C GLN D 18 -17.64 -18.41 12.53
N PRO D 19 -16.49 -18.67 13.17
CA PRO D 19 -15.19 -18.39 12.52
C PRO D 19 -14.91 -19.39 11.41
N ALA D 20 -13.97 -19.01 10.54
CA ALA D 20 -13.51 -19.86 9.45
C ALA D 20 -12.08 -19.49 9.14
N SER D 21 -11.31 -20.45 8.66
CA SER D 21 -9.93 -20.14 8.29
C SER D 21 -9.51 -20.92 7.05
N ILE D 22 -8.59 -20.32 6.29
CA ILE D 22 -8.05 -20.89 5.06
C ILE D 22 -6.53 -20.96 5.15
N SER D 23 -5.97 -22.05 4.67
CA SER D 23 -4.53 -22.26 4.73
C SER D 23 -3.92 -21.98 3.36
N CYS D 24 -2.69 -21.48 3.36
CA CYS D 24 -1.93 -21.23 2.13
C CYS D 24 -0.46 -21.54 2.36
N ARG D 25 0.10 -22.45 1.56
CA ARG D 25 1.48 -22.89 1.68
C ARG D 25 2.25 -22.62 0.39
N SER D 26 3.48 -22.13 0.53
CA SER D 26 4.35 -21.89 -0.62
C SER D 26 5.44 -22.93 -0.77
N SER D 27 5.92 -23.13 -2.00
CA SER D 27 6.95 -24.12 -2.27
C SER D 27 8.35 -23.63 -1.90
N GLN D 28 8.54 -22.32 -1.78
CA GLN D 28 9.78 -21.74 -1.24
CA GLN D 28 9.78 -21.74 -1.27
C GLN D 28 9.43 -20.65 -0.26
N SER D 29 10.38 -20.33 0.61
CA SER D 29 10.19 -19.25 1.57
C SER D 29 9.79 -17.96 0.88
N LEU D 30 8.85 -17.23 1.49
CA LEU D 30 8.42 -15.96 0.92
C LEU D 30 9.06 -14.78 1.65
N VAL D 31 10.03 -15.05 2.54
CA VAL D 31 10.81 -13.97 3.13
C VAL D 31 11.80 -13.44 2.08
N HIS D 32 11.55 -12.22 1.62
CA HIS D 32 12.38 -11.57 0.61
C HIS D 32 13.71 -11.09 1.21
N SER D 33 14.74 -10.92 0.39
CA SER D 33 16.00 -10.37 0.88
C SER D 33 15.85 -8.98 1.50
N ASP D 34 14.76 -8.26 1.21
CA ASP D 34 14.59 -6.96 1.85
C ASP D 34 13.92 -7.12 3.21
N GLY D 35 13.75 -8.36 3.62
CA GLY D 35 13.22 -8.65 4.93
C GLY D 35 11.71 -8.77 5.04
N ASN D 36 11.00 -8.33 4.01
CA ASN D 36 9.55 -8.46 3.98
C ASN D 36 9.08 -9.82 3.51
N THR D 37 7.91 -10.23 3.98
CA THR D 37 7.27 -11.45 3.49
C THR D 37 6.03 -11.10 2.65
N TYR D 38 6.16 -11.20 1.32
CA TYR D 38 5.17 -10.67 0.41
C TYR D 38 4.07 -11.71 0.12
N LEU D 39 3.12 -11.79 1.03
CA LEU D 39 2.00 -12.72 0.95
C LEU D 39 0.72 -11.92 1.06
N ASN D 40 -0.09 -11.95 0.02
CA ASN D 40 -1.37 -11.26 0.06
C ASN D 40 -2.56 -12.22 -0.03
N TRP D 41 -3.71 -11.77 0.48
CA TRP D 41 -4.96 -12.49 0.35
C TRP D 41 -6.01 -11.64 -0.36
N PHE D 42 -6.81 -12.29 -1.20
CA PHE D 42 -7.84 -11.64 -1.99
C PHE D 42 -9.19 -12.30 -1.77
N GLN D 43 -10.25 -11.49 -1.82
CA GLN D 43 -11.61 -11.96 -1.83
C GLN D 43 -12.22 -11.67 -3.20
N GLN D 44 -12.85 -12.65 -3.81
CA GLN D 44 -13.58 -12.40 -5.04
C GLN D 44 -15.04 -12.83 -4.89
N ARG D 45 -15.92 -11.84 -4.79
CA ARG D 45 -17.36 -12.08 -4.76
C ARG D 45 -17.86 -12.33 -6.17
N PRO D 46 -18.94 -13.11 -6.31
CA PRO D 46 -19.55 -13.47 -7.59
C PRO D 46 -19.78 -12.28 -8.51
N GLY D 47 -19.30 -12.38 -9.75
CA GLY D 47 -19.41 -11.30 -10.72
C GLY D 47 -18.59 -10.06 -10.43
N GLN D 48 -17.61 -10.16 -9.53
CA GLN D 48 -16.81 -8.99 -9.18
C GLN D 48 -15.30 -9.25 -9.30
N SER D 49 -14.56 -8.16 -9.43
CA SER D 49 -13.11 -8.21 -9.49
C SER D 49 -12.54 -8.62 -8.13
N PRO D 50 -11.38 -9.30 -8.14
CA PRO D 50 -10.69 -9.62 -6.90
C PRO D 50 -10.43 -8.36 -6.11
N ARG D 51 -10.52 -8.45 -4.78
CA ARG D 51 -10.28 -7.35 -3.87
C ARG D 51 -9.25 -7.76 -2.82
N ARG D 52 -8.18 -7.00 -2.69
CA ARG D 52 -7.15 -7.30 -1.70
C ARG D 52 -7.61 -7.01 -0.27
N LEU D 53 -7.46 -7.99 0.62
CA LEU D 53 -7.86 -7.80 2.01
C LEU D 53 -6.66 -7.64 2.94
N ILE D 54 -5.68 -8.49 2.73
CA ILE D 54 -4.51 -8.60 3.59
C ILE D 54 -3.28 -8.52 2.70
N TYR D 55 -2.23 -7.85 3.17
CA TYR D 55 -0.96 -7.80 2.42
C TYR D 55 0.22 -7.89 3.38
N LYS D 56 1.37 -8.35 2.88
CA LYS D 56 2.54 -8.63 3.71
C LYS D 56 2.13 -9.44 4.98
N VAL D 57 1.38 -10.52 4.75
CA VAL D 57 0.97 -11.53 5.74
C VAL D 57 -0.18 -11.07 6.66
N SER D 58 -0.06 -9.90 7.25
CA SER D 58 -0.94 -9.50 8.34
C SER D 58 -1.40 -8.05 8.30
N ASP D 59 -0.86 -7.24 7.39
CA ASP D 59 -1.35 -5.87 7.24
C ASP D 59 -2.72 -5.91 6.58
N ARG D 60 -3.69 -5.20 7.16
CA ARG D 60 -5.05 -5.20 6.62
CA ARG D 60 -5.07 -5.19 6.66
C ARG D 60 -5.35 -3.94 5.80
N ASP D 61 -5.83 -4.16 4.58
CA ASP D 61 -6.15 -3.04 3.71
C ASP D 61 -7.23 -2.13 4.28
N SER D 62 -7.07 -0.85 4.01
CA SER D 62 -7.98 0.18 4.47
C SER D 62 -9.43 -0.11 4.06
N GLY D 63 -10.36 0.09 4.98
CA GLY D 63 -11.76 -0.23 4.72
C GLY D 63 -12.14 -1.70 4.79
N VAL D 64 -11.18 -2.60 5.01
CA VAL D 64 -11.48 -4.03 5.13
C VAL D 64 -11.94 -4.33 6.56
N PRO D 65 -13.04 -5.08 6.73
CA PRO D 65 -13.53 -5.34 8.09
C PRO D 65 -12.49 -6.05 8.94
N ASP D 66 -12.43 -5.75 10.23
CA ASP D 66 -11.37 -6.34 11.03
C ASP D 66 -11.67 -7.77 11.47
N ARG D 67 -12.77 -8.34 10.99
CA ARG D 67 -12.96 -9.76 11.19
C ARG D 67 -12.03 -10.58 10.29
N PHE D 68 -11.44 -9.94 9.29
CA PHE D 68 -10.40 -10.58 8.48
C PHE D 68 -9.03 -10.32 9.07
N SER D 69 -8.27 -11.39 9.26
CA SER D 69 -6.88 -11.24 9.66
C SER D 69 -6.01 -12.35 9.07
N GLY D 70 -4.72 -12.06 8.93
CA GLY D 70 -3.77 -12.99 8.36
C GLY D 70 -2.63 -13.23 9.32
N SER D 71 -2.07 -14.41 9.29
CA SER D 71 -0.94 -14.75 10.11
C SER D 71 -0.08 -15.76 9.38
N GLY D 72 1.02 -16.14 10.02
CA GLY D 72 1.90 -17.15 9.49
C GLY D 72 3.29 -16.59 9.21
N SER D 73 4.16 -17.43 8.69
CA SER D 73 5.54 -17.06 8.32
C SER D 73 6.22 -18.11 7.46
N GLY D 74 7.23 -17.68 6.71
CA GLY D 74 8.04 -18.60 5.94
C GLY D 74 7.33 -19.18 4.74
N THR D 75 6.75 -20.36 4.92
CA THR D 75 6.03 -21.05 3.87
C THR D 75 4.57 -21.32 4.23
N ASP D 76 4.17 -20.91 5.42
CA ASP D 76 2.91 -21.35 6.02
C ASP D 76 2.05 -20.18 6.51
N PHE D 77 0.90 -19.98 5.87
CA PHE D 77 0.08 -18.78 6.11
C PHE D 77 -1.39 -19.12 6.28
N THR D 78 -2.08 -18.29 7.05
CA THR D 78 -3.47 -18.53 7.35
C THR D 78 -4.26 -17.26 7.29
N LEU D 79 -5.40 -17.32 6.63
CA LEU D 79 -6.38 -16.23 6.64
C LEU D 79 -7.52 -16.63 7.56
N LYS D 80 -7.86 -15.77 8.51
CA LYS D 80 -8.95 -16.05 9.43
C LYS D 80 -10.09 -15.07 9.28
N ILE D 81 -11.31 -15.58 9.26
CA ILE D 81 -12.50 -14.76 9.40
C ILE D 81 -13.09 -15.05 10.78
N SER D 82 -13.14 -14.04 11.64
CA SER D 82 -13.47 -14.29 13.03
C SER D 82 -14.94 -14.62 13.20
N ARG D 83 -15.79 -13.99 12.40
CA ARG D 83 -17.23 -14.22 12.43
C ARG D 83 -17.78 -14.04 11.02
N VAL D 84 -18.16 -15.15 10.38
CA VAL D 84 -18.53 -15.11 8.98
C VAL D 84 -19.91 -14.48 8.74
N GLU D 85 -20.00 -13.59 7.76
CA GLU D 85 -21.26 -13.01 7.37
C GLU D 85 -21.63 -13.40 5.95
N ALA D 86 -22.89 -13.16 5.60
CA ALA D 86 -23.42 -13.53 4.29
C ALA D 86 -22.57 -12.99 3.12
N GLU D 87 -22.04 -11.77 3.26
CA GLU D 87 -21.24 -11.17 2.20
C GLU D 87 -19.83 -11.74 2.09
N ASP D 88 -19.46 -12.62 3.00
CA ASP D 88 -18.13 -13.21 2.95
C ASP D 88 -18.07 -14.43 2.01
N VAL D 89 -19.20 -14.78 1.42
CA VAL D 89 -19.24 -15.90 0.50
C VAL D 89 -18.53 -15.51 -0.81
N GLY D 90 -17.72 -16.40 -1.37
CA GLY D 90 -16.95 -16.11 -2.56
C GLY D 90 -15.73 -17.01 -2.67
N VAL D 91 -14.77 -16.62 -3.51
CA VAL D 91 -13.53 -17.36 -3.65
C VAL D 91 -12.38 -16.51 -3.10
N TYR D 92 -11.55 -17.12 -2.27
CA TYR D 92 -10.42 -16.43 -1.66
C TYR D 92 -9.11 -16.92 -2.27
N TYR D 93 -8.22 -15.99 -2.59
CA TYR D 93 -6.94 -16.34 -3.19
C TYR D 93 -5.80 -15.85 -2.32
N CYS D 94 -4.77 -16.66 -2.15
CA CYS D 94 -3.49 -16.14 -1.66
C CYS D 94 -2.60 -15.82 -2.87
N MET D 95 -1.62 -14.94 -2.66
CA MET D 95 -0.70 -14.49 -3.70
C MET D 95 0.70 -14.22 -3.12
N GLN D 96 1.74 -14.72 -3.79
CA GLN D 96 3.11 -14.37 -3.39
C GLN D 96 3.68 -13.30 -4.32
N GLY D 97 4.35 -12.31 -3.73
CA GLY D 97 5.08 -11.27 -4.46
C GLY D 97 6.57 -11.22 -4.10
N THR D 98 7.15 -12.35 -3.72
CA THR D 98 8.55 -12.39 -3.33
C THR D 98 9.46 -12.79 -4.50
N HIS D 99 8.94 -13.69 -5.34
CA HIS D 99 9.66 -14.24 -6.47
C HIS D 99 8.92 -13.90 -7.74
N TRP D 100 9.61 -13.24 -8.66
CA TRP D 100 8.98 -12.76 -9.88
C TRP D 100 10.04 -12.43 -10.90
N PRO D 101 9.74 -12.58 -12.20
CA PRO D 101 8.49 -13.09 -12.77
C PRO D 101 8.45 -14.61 -12.74
N PRO D 102 7.26 -15.22 -12.62
CA PRO D 102 5.94 -14.59 -12.44
C PRO D 102 5.50 -14.50 -11.00
N TYR D 103 4.77 -13.45 -10.64
CA TYR D 103 3.88 -13.52 -9.48
C TYR D 103 2.96 -14.73 -9.65
N THR D 104 2.69 -15.44 -8.56
CA THR D 104 1.81 -16.58 -8.62
C THR D 104 0.73 -16.52 -7.54
N PHE D 105 -0.40 -17.15 -7.85
CA PHE D 105 -1.54 -17.24 -6.97
C PHE D 105 -1.86 -18.68 -6.59
N GLY D 106 -2.45 -18.87 -5.42
CA GLY D 106 -3.10 -20.13 -5.09
C GLY D 106 -4.27 -20.46 -6.02
N GLN D 107 -4.77 -21.69 -5.97
CA GLN D 107 -5.83 -22.10 -6.89
C GLN D 107 -7.20 -21.58 -6.49
N GLY D 108 -7.32 -21.06 -5.29
CA GLY D 108 -8.55 -20.45 -4.85
C GLY D 108 -9.37 -21.36 -3.94
N THR D 109 -9.97 -20.78 -2.91
CA THR D 109 -10.81 -21.54 -1.98
C THR D 109 -12.25 -21.02 -1.98
N LYS D 110 -13.20 -21.86 -2.34
CA LYS D 110 -14.57 -21.40 -2.46
C LYS D 110 -15.26 -21.53 -1.11
N VAL D 111 -15.67 -20.39 -0.57
CA VAL D 111 -16.38 -20.37 0.69
C VAL D 111 -17.89 -20.45 0.39
N GLU D 112 -18.51 -21.51 0.87
CA GLU D 112 -19.93 -21.72 0.64
C GLU D 112 -20.64 -22.09 1.96
N ILE D 113 -21.99 -22.10 1.91
CA ILE D 113 -22.81 -22.27 3.10
C ILE D 113 -22.95 -23.75 3.44
N LYS D 114 -22.60 -24.09 4.66
CA LYS D 114 -22.76 -25.44 5.14
C LYS D 114 -24.23 -25.76 5.49
N ARG D 115 -24.69 -26.92 5.07
CA ARG D 115 -26.03 -27.40 5.45
C ARG D 115 -26.00 -28.92 5.60
N THR D 116 -27.12 -29.51 6.01
CA THR D 116 -27.20 -30.97 6.16
C THR D 116 -27.04 -31.64 4.82
N VAL D 117 -26.53 -32.87 4.83
CA VAL D 117 -26.35 -33.63 3.61
C VAL D 117 -27.71 -33.90 2.97
N ALA D 118 -27.78 -33.76 1.65
CA ALA D 118 -28.99 -34.03 0.91
C ALA D 118 -28.65 -34.74 -0.39
N ALA D 119 -29.27 -35.89 -0.58
CA ALA D 119 -29.00 -36.73 -1.74
C ALA D 119 -29.66 -36.13 -2.99
N PRO D 120 -29.04 -36.35 -4.15
CA PRO D 120 -29.64 -35.82 -5.37
C PRO D 120 -30.76 -36.70 -5.86
N SER D 121 -31.84 -36.11 -6.37
CA SER D 121 -32.78 -36.87 -7.17
CA SER D 121 -32.77 -36.89 -7.16
C SER D 121 -32.19 -36.95 -8.57
N VAL D 122 -32.19 -38.14 -9.16
CA VAL D 122 -31.54 -38.33 -10.45
C VAL D 122 -32.53 -38.68 -11.54
N PHE D 123 -32.39 -38.04 -12.69
CA PHE D 123 -33.25 -38.29 -13.84
C PHE D 123 -32.40 -38.46 -15.08
N ILE D 124 -32.79 -39.39 -15.94
CA ILE D 124 -32.13 -39.52 -17.23
C ILE D 124 -33.10 -39.17 -18.36
N PHE D 125 -32.59 -38.52 -19.39
CA PHE D 125 -33.37 -38.15 -20.56
C PHE D 125 -32.71 -38.65 -21.84
N PRO D 126 -33.41 -39.51 -22.59
CA PRO D 126 -32.93 -39.90 -23.92
C PRO D 126 -33.01 -38.71 -24.88
N PRO D 127 -32.23 -38.72 -25.96
CA PRO D 127 -32.34 -37.67 -26.97
C PRO D 127 -33.70 -37.69 -27.63
N SER D 128 -34.20 -36.53 -28.03
CA SER D 128 -35.50 -36.42 -28.70
C SER D 128 -35.44 -36.93 -30.13
N ASP D 129 -36.58 -37.32 -30.66
CA ASP D 129 -36.68 -37.74 -32.06
C ASP D 129 -36.27 -36.62 -32.99
N GLU D 130 -36.68 -35.40 -32.65
CA GLU D 130 -36.31 -34.22 -33.42
C GLU D 130 -34.80 -34.07 -33.54
N GLN D 131 -34.09 -34.26 -32.43
CA GLN D 131 -32.65 -34.09 -32.46
C GLN D 131 -31.98 -35.17 -33.30
N LEU D 132 -32.45 -36.39 -33.15
CA LEU D 132 -31.95 -37.50 -33.95
C LEU D 132 -32.13 -37.22 -35.44
N LYS D 133 -33.23 -36.59 -35.80
CA LYS D 133 -33.47 -36.17 -37.18
C LYS D 133 -32.27 -35.40 -37.70
N SER D 134 -31.77 -34.49 -36.88
CA SER D 134 -30.72 -33.57 -37.26
C SER D 134 -29.35 -34.24 -37.33
N GLY D 135 -29.24 -35.47 -36.86
CA GLY D 135 -27.99 -36.20 -36.96
C GLY D 135 -27.13 -36.30 -35.70
N THR D 136 -27.60 -35.72 -34.60
CA THR D 136 -26.84 -35.79 -33.34
C THR D 136 -27.70 -36.30 -32.19
N ALA D 137 -27.04 -36.85 -31.18
CA ALA D 137 -27.73 -37.42 -30.03
C ALA D 137 -27.18 -36.85 -28.72
N SER D 138 -28.07 -36.31 -27.90
CA SER D 138 -27.69 -35.76 -26.59
C SER D 138 -28.42 -36.48 -25.46
N VAL D 139 -27.64 -37.14 -24.61
CA VAL D 139 -28.19 -37.83 -23.47
C VAL D 139 -27.91 -37.03 -22.22
N VAL D 140 -28.97 -36.70 -21.50
CA VAL D 140 -28.85 -35.82 -20.35
C VAL D 140 -29.19 -36.49 -19.03
N CYS D 141 -28.26 -36.38 -18.10
CA CYS D 141 -28.47 -36.88 -16.76
C CYS D 141 -28.52 -35.71 -15.78
N LEU D 142 -29.61 -35.62 -15.03
CA LEU D 142 -29.82 -34.55 -14.09
C LEU D 142 -29.70 -35.01 -12.64
N LEU D 143 -28.94 -34.25 -11.87
CA LEU D 143 -28.83 -34.42 -10.42
C LEU D 143 -29.47 -33.21 -9.74
N ASN D 144 -30.53 -33.41 -8.97
CA ASN D 144 -31.32 -32.27 -8.50
C ASN D 144 -31.29 -32.02 -6.98
N ASN D 145 -30.89 -30.80 -6.64
CA ASN D 145 -30.93 -30.27 -5.28
C ASN D 145 -30.18 -31.10 -4.25
N PHE D 146 -28.87 -31.24 -4.45
CA PHE D 146 -28.04 -32.02 -3.54
C PHE D 146 -27.00 -31.19 -2.78
N TYR D 147 -26.54 -31.75 -1.66
CA TYR D 147 -25.46 -31.20 -0.86
C TYR D 147 -24.73 -32.33 -0.14
N PRO D 148 -23.38 -32.30 -0.13
CA PRO D 148 -22.46 -31.30 -0.67
C PRO D 148 -22.26 -31.35 -2.17
N ARG D 149 -21.47 -30.41 -2.66
CA ARG D 149 -21.21 -30.24 -4.08
C ARG D 149 -20.61 -31.48 -4.73
N GLU D 150 -19.73 -32.14 -4.01
CA GLU D 150 -18.97 -33.26 -4.57
C GLU D 150 -19.90 -34.37 -4.98
N ALA D 151 -19.78 -34.78 -6.23
CA ALA D 151 -20.64 -35.78 -6.83
C ALA D 151 -19.93 -36.38 -8.04
N LYS D 152 -19.97 -37.70 -8.14
CA LYS D 152 -19.32 -38.39 -9.24
C LYS D 152 -20.36 -38.88 -10.24
N VAL D 153 -20.13 -38.62 -11.52
CA VAL D 153 -21.04 -39.05 -12.57
C VAL D 153 -20.30 -39.78 -13.70
N GLN D 154 -20.54 -41.09 -13.81
CA GLN D 154 -19.87 -41.89 -14.81
C GLN D 154 -20.84 -42.32 -15.90
N TRP D 155 -20.43 -42.17 -17.15
CA TRP D 155 -21.24 -42.61 -18.27
C TRP D 155 -20.82 -44.01 -18.71
N LYS D 156 -21.79 -44.90 -18.83
CA LYS D 156 -21.52 -46.23 -19.32
C LYS D 156 -22.33 -46.47 -20.58
N VAL D 157 -21.65 -47.02 -21.58
CA VAL D 157 -22.28 -47.32 -22.86
C VAL D 157 -22.12 -48.80 -23.16
N ASP D 158 -23.23 -49.53 -23.01
CA ASP D 158 -23.21 -50.98 -22.99
C ASP D 158 -22.16 -51.44 -21.96
N ASN D 159 -22.33 -50.93 -20.74
CA ASN D 159 -21.48 -51.28 -19.60
C ASN D 159 -20.00 -50.92 -19.76
N ALA D 160 -19.66 -50.18 -20.82
CA ALA D 160 -18.30 -49.70 -21.00
C ALA D 160 -18.17 -48.24 -20.56
N LEU D 161 -17.16 -47.95 -19.73
CA LEU D 161 -16.99 -46.61 -19.16
C LEU D 161 -16.56 -45.59 -20.20
N GLN D 162 -17.18 -44.41 -20.14
CA GLN D 162 -16.89 -43.33 -21.10
C GLN D 162 -16.15 -42.17 -20.47
N SER D 163 -15.33 -41.52 -21.27
CA SER D 163 -14.65 -40.29 -20.86
C SER D 163 -14.20 -39.51 -22.09
N GLY D 164 -14.44 -38.20 -22.06
CA GLY D 164 -14.02 -37.33 -23.15
C GLY D 164 -15.11 -37.07 -24.17
N ASN D 165 -16.30 -37.59 -23.91
CA ASN D 165 -17.44 -37.41 -24.80
C ASN D 165 -18.63 -36.77 -24.08
N SER D 166 -18.40 -36.35 -22.85
CA SER D 166 -19.44 -35.70 -22.07
C SER D 166 -18.95 -34.40 -21.43
N GLN D 167 -19.89 -33.56 -21.03
CA GLN D 167 -19.58 -32.32 -20.33
C GLN D 167 -20.55 -32.12 -19.18
N GLU D 168 -20.06 -31.54 -18.08
CA GLU D 168 -20.90 -31.27 -16.94
C GLU D 168 -21.16 -29.78 -16.79
N SER D 169 -22.17 -29.44 -16.00
CA SER D 169 -22.49 -28.06 -15.70
C SER D 169 -23.28 -28.04 -14.41
N VAL D 170 -22.92 -27.13 -13.50
CA VAL D 170 -23.49 -27.11 -12.16
C VAL D 170 -23.98 -25.71 -11.85
N THR D 171 -25.09 -25.60 -11.14
CA THR D 171 -25.61 -24.31 -10.71
C THR D 171 -24.85 -23.74 -9.52
N GLU D 172 -25.01 -22.44 -9.31
CA GLU D 172 -24.53 -21.81 -8.08
C GLU D 172 -25.36 -22.31 -6.91
N GLN D 173 -24.75 -22.36 -5.73
CA GLN D 173 -25.45 -22.78 -4.52
C GLN D 173 -26.74 -21.98 -4.34
N ASP D 174 -27.84 -22.70 -4.14
CA ASP D 174 -29.13 -22.04 -4.07
C ASP D 174 -29.19 -21.10 -2.89
N SER D 175 -29.72 -19.91 -3.13
CA SER D 175 -29.81 -18.89 -2.10
C SER D 175 -30.84 -19.23 -1.01
N LYS D 176 -31.76 -20.14 -1.31
CA LYS D 176 -32.82 -20.46 -0.35
C LYS D 176 -32.55 -21.75 0.43
N ASP D 177 -32.20 -22.83 -0.27
CA ASP D 177 -31.99 -24.10 0.42
C ASP D 177 -30.53 -24.58 0.41
N SER D 178 -29.63 -23.78 -0.15
CA SER D 178 -28.19 -24.05 -0.14
C SER D 178 -27.77 -25.34 -0.84
N THR D 179 -28.60 -25.83 -1.75
CA THR D 179 -28.23 -27.02 -2.51
C THR D 179 -27.63 -26.64 -3.85
N TYR D 180 -27.09 -27.65 -4.52
CA TYR D 180 -26.56 -27.57 -5.87
C TYR D 180 -27.37 -28.47 -6.78
N SER D 181 -27.39 -28.17 -8.07
CA SER D 181 -27.95 -29.08 -9.06
C SER D 181 -26.98 -29.26 -10.22
N LEU D 182 -27.00 -30.40 -10.91
CA LEU D 182 -25.99 -30.66 -11.91
C LEU D 182 -26.53 -31.41 -13.13
N SER D 183 -26.03 -31.02 -14.29
CA SER D 183 -26.32 -31.74 -15.52
C SER D 183 -25.04 -32.32 -16.10
N SER D 184 -25.14 -33.56 -16.57
CA SER D 184 -24.07 -34.21 -17.31
C SER D 184 -24.64 -34.63 -18.67
N THR D 185 -23.98 -34.22 -19.74
CA THR D 185 -24.53 -34.43 -21.07
C THR D 185 -23.59 -35.19 -21.97
N LEU D 186 -24.07 -36.33 -22.46
CA LEU D 186 -23.34 -37.15 -23.40
C LEU D 186 -23.74 -36.81 -24.82
N THR D 187 -22.77 -36.35 -25.62
CA THR D 187 -23.02 -35.98 -27.01
C THR D 187 -22.30 -36.89 -27.98
N LEU D 188 -23.05 -37.48 -28.88
CA LEU D 188 -22.48 -38.37 -29.90
C LEU D 188 -23.09 -38.04 -31.24
N SER D 189 -22.41 -38.45 -32.30
CA SER D 189 -23.03 -38.43 -33.62
C SER D 189 -24.12 -39.49 -33.62
N LYS D 190 -25.13 -39.29 -34.45
CA LYS D 190 -26.24 -40.24 -34.53
C LYS D 190 -25.73 -41.63 -34.91
N ALA D 191 -24.76 -41.66 -35.81
CA ALA D 191 -24.14 -42.90 -36.24
C ALA D 191 -23.49 -43.62 -35.06
N ASP D 192 -22.60 -42.92 -34.36
CA ASP D 192 -21.97 -43.48 -33.18
C ASP D 192 -23.01 -43.84 -32.12
N TYR D 193 -24.06 -43.03 -32.03
CA TYR D 193 -25.13 -43.27 -31.06
C TYR D 193 -25.86 -44.58 -31.31
N GLU D 194 -26.07 -44.90 -32.58
CA GLU D 194 -26.85 -46.08 -32.93
C GLU D 194 -25.96 -47.32 -33.02
N LYS D 195 -24.70 -47.17 -32.64
CA LYS D 195 -23.76 -48.28 -32.62
C LYS D 195 -23.82 -49.06 -31.31
N HIS D 196 -24.62 -48.60 -30.35
CA HIS D 196 -24.73 -49.26 -29.05
C HIS D 196 -26.15 -49.22 -28.49
N LYS D 197 -26.40 -49.99 -27.44
CA LYS D 197 -27.76 -50.18 -26.92
C LYS D 197 -28.03 -49.50 -25.58
N VAL D 198 -27.29 -49.92 -24.55
CA VAL D 198 -27.57 -49.48 -23.19
C VAL D 198 -26.82 -48.23 -22.81
N TYR D 199 -27.56 -47.22 -22.36
CA TYR D 199 -26.96 -45.98 -21.93
C TYR D 199 -27.27 -45.73 -20.47
N ALA D 200 -26.22 -45.69 -19.66
CA ALA D 200 -26.38 -45.62 -18.22
C ALA D 200 -25.66 -44.43 -17.61
N CYS D 201 -26.32 -43.82 -16.63
CA CYS D 201 -25.77 -42.74 -15.84
C CYS D 201 -25.69 -43.17 -14.37
N GLU D 202 -24.47 -43.36 -13.87
CA GLU D 202 -24.28 -43.82 -12.49
C GLU D 202 -23.77 -42.69 -11.60
N VAL D 203 -24.47 -42.45 -10.49
CA VAL D 203 -24.16 -41.31 -9.61
C VAL D 203 -23.64 -41.72 -8.23
N THR D 204 -22.49 -41.19 -7.84
CA THR D 204 -21.93 -41.44 -6.52
C THR D 204 -22.01 -40.20 -5.64
N HIS D 205 -22.74 -40.29 -4.55
CA HIS D 205 -22.84 -39.16 -3.64
C HIS D 205 -22.89 -39.56 -2.17
N GLN D 206 -22.46 -38.66 -1.28
CA GLN D 206 -22.44 -38.89 0.16
C GLN D 206 -23.82 -39.19 0.73
N GLY D 207 -24.85 -38.60 0.12
CA GLY D 207 -26.21 -38.79 0.60
C GLY D 207 -26.82 -40.09 0.11
N LEU D 208 -26.11 -40.75 -0.80
CA LEU D 208 -26.52 -42.05 -1.32
C LEU D 208 -25.68 -43.17 -0.73
N SER D 209 -26.32 -44.08 0.00
CA SER D 209 -25.61 -45.16 0.67
C SER D 209 -24.83 -46.02 -0.33
N SER D 210 -25.36 -46.11 -1.56
CA SER D 210 -24.70 -46.83 -2.64
C SER D 210 -25.11 -46.20 -3.96
N PRO D 211 -24.19 -46.16 -4.93
CA PRO D 211 -24.38 -45.44 -6.20
C PRO D 211 -25.72 -45.77 -6.87
N VAL D 212 -26.46 -44.73 -7.24
CA VAL D 212 -27.74 -44.90 -7.92
C VAL D 212 -27.53 -44.80 -9.42
N THR D 213 -28.13 -45.73 -10.16
CA THR D 213 -27.95 -45.78 -11.61
C THR D 213 -29.28 -45.59 -12.34
N LYS D 214 -29.33 -44.55 -13.17
CA LYS D 214 -30.44 -44.32 -14.10
C LYS D 214 -30.01 -44.63 -15.53
N SER D 215 -30.82 -45.37 -16.27
CA SER D 215 -30.40 -45.83 -17.58
C SER D 215 -31.59 -46.08 -18.52
N PHE D 216 -31.27 -46.36 -19.78
CA PHE D 216 -32.29 -46.71 -20.74
C PHE D 216 -31.69 -47.52 -21.87
N ASN D 217 -32.57 -48.12 -22.65
CA ASN D 217 -32.18 -48.85 -23.84
CA ASN D 217 -32.17 -48.85 -23.84
C ASN D 217 -32.66 -48.14 -25.09
N ARG D 218 -31.74 -47.95 -26.04
CA ARG D 218 -32.02 -47.19 -27.26
C ARG D 218 -33.30 -47.64 -27.95
N GLY D 219 -34.40 -47.03 -27.56
CA GLY D 219 -35.71 -47.42 -28.04
C GLY D 219 -36.74 -47.29 -26.94
N GLU D 220 -37.55 -48.34 -26.76
CA GLU D 220 -38.60 -48.38 -25.74
C GLU D 220 -39.50 -47.14 -25.79
C1 GOL E . 5.50 15.08 10.43
O1 GOL E . 5.06 13.75 10.37
C2 GOL E . 5.69 15.51 11.89
O2 GOL E . 6.96 15.11 12.36
C3 GOL E . 5.58 17.03 11.95
O3 GOL E . 4.56 17.40 12.84
C1 GOL F . 4.39 26.55 14.39
O1 GOL F . 5.11 27.75 14.37
C2 GOL F . 3.18 26.65 15.32
O2 GOL F . 2.67 27.94 15.49
C3 GOL F . 2.08 25.77 14.75
O3 GOL F . 2.10 24.60 15.52
C1 GOL G . 32.09 40.61 -2.86
O1 GOL G . 32.43 41.03 -1.56
C2 GOL G . 33.37 40.41 -3.68
O2 GOL G . 33.60 41.51 -4.53
C3 GOL G . 34.55 40.24 -2.75
O3 GOL G . 35.73 40.14 -3.51
C1 GOL H . -27.63 -17.53 -20.01
O1 GOL H . -26.98 -17.35 -21.25
C2 GOL H . -26.74 -18.27 -19.02
O2 GOL H . -27.51 -18.80 -17.96
C3 GOL H . -26.06 -19.42 -19.72
O3 GOL H . -24.69 -19.16 -19.73
C1 GOL I . -0.59 -2.06 9.58
O1 GOL I . 0.37 -1.16 9.06
C2 GOL I . -1.97 -1.43 9.44
O2 GOL I . -1.84 -0.29 8.63
C3 GOL I . -2.93 -2.41 8.77
O3 GOL I . -3.01 -3.65 9.44
C1 GOL J . -31.50 -21.81 -9.55
O1 GOL J . -30.75 -22.65 -10.39
C2 GOL J . -30.71 -21.45 -8.30
O2 GOL J . -30.77 -22.52 -7.39
C3 GOL J . -29.26 -21.17 -8.68
O3 GOL J . -28.61 -20.63 -7.55
#